data_3ZY1
# 
_entry.id   3ZY1 
# 
_audit_conform.dict_name       mmcif_pdbx.dic 
_audit_conform.dict_version    5.391 
_audit_conform.dict_location   http://mmcif.pdb.org/dictionaries/ascii/mmcif_pdbx.dic 
# 
loop_
_database_2.database_id 
_database_2.database_code 
_database_2.pdbx_database_accession 
_database_2.pdbx_DOI 
PDB   3ZY1         pdb_00003zy1 10.2210/pdb3zy1/pdb 
PDBE  EBI-49328    ?            ?                   
WWPDB D_1290049328 ?            ?                   
# 
loop_
_pdbx_audit_revision_history.ordinal 
_pdbx_audit_revision_history.data_content_type 
_pdbx_audit_revision_history.major_revision 
_pdbx_audit_revision_history.minor_revision 
_pdbx_audit_revision_history.revision_date 
1 'Structure model' 1 0 2011-11-30 
2 'Structure model' 1 1 2012-01-25 
3 'Structure model' 1 2 2019-05-08 
4 'Structure model' 1 3 2024-05-08 
# 
_pdbx_audit_revision_details.ordinal             1 
_pdbx_audit_revision_details.revision_ordinal    1 
_pdbx_audit_revision_details.data_content_type   'Structure model' 
_pdbx_audit_revision_details.provider            repository 
_pdbx_audit_revision_details.type                'Initial release' 
_pdbx_audit_revision_details.description         ? 
_pdbx_audit_revision_details.details             ? 
# 
loop_
_pdbx_audit_revision_group.ordinal 
_pdbx_audit_revision_group.revision_ordinal 
_pdbx_audit_revision_group.data_content_type 
_pdbx_audit_revision_group.group 
1 2 'Structure model' Other                      
2 3 'Structure model' 'Data collection'          
3 3 'Structure model' 'Experimental preparation' 
4 3 'Structure model' Other                      
5 4 'Structure model' 'Data collection'          
6 4 'Structure model' 'Database references'      
# 
loop_
_pdbx_audit_revision_category.ordinal 
_pdbx_audit_revision_category.revision_ordinal 
_pdbx_audit_revision_category.data_content_type 
_pdbx_audit_revision_category.category 
1 3 'Structure model' database_PDB_rev        
2 3 'Structure model' database_PDB_rev_record 
3 3 'Structure model' exptl_crystal_grow      
4 3 'Structure model' pdbx_database_proc      
5 3 'Structure model' pdbx_database_status    
6 4 'Structure model' chem_comp_atom          
7 4 'Structure model' chem_comp_bond          
8 4 'Structure model' database_2              
# 
loop_
_pdbx_audit_revision_item.ordinal 
_pdbx_audit_revision_item.revision_ordinal 
_pdbx_audit_revision_item.data_content_type 
_pdbx_audit_revision_item.item 
1 3 'Structure model' '_exptl_crystal_grow.method'                  
2 3 'Structure model' '_exptl_crystal_grow.temp'                    
3 3 'Structure model' '_pdbx_database_status.recvd_author_approval' 
4 4 'Structure model' '_database_2.pdbx_DOI'                        
5 4 'Structure model' '_database_2.pdbx_database_accession'         
# 
_pdbx_database_status.status_code                     REL 
_pdbx_database_status.entry_id                        3ZY1 
_pdbx_database_status.deposit_site                    PDBE 
_pdbx_database_status.process_site                    PDBE 
_pdbx_database_status.SG_entry                        . 
_pdbx_database_status.recvd_initial_deposition_date   2011-08-16 
_pdbx_database_status.pdb_format_compatible           Y 
_pdbx_database_status.status_code_sf                  ? 
_pdbx_database_status.status_code_mr                  ? 
_pdbx_database_status.status_code_cs                  ? 
_pdbx_database_status.methods_development_category    ? 
_pdbx_database_status.status_code_nmr_data            ? 
# 
loop_
_pdbx_database_related.db_name 
_pdbx_database_related.db_id 
_pdbx_database_related.content_type 
_pdbx_database_related.details 
PDB 2Y9T unspecified 'STRUCTURAL BASIS OF P63A SAM DOMAIN MUTANTS INVOLVED IN AEC SYNDROME' 
PDB 1RG6 unspecified 'SOLUTION STRUCTURE OF THE C-TERMINAL DOMAIN OF P63'                   
PDB 2Y9U unspecified 'STRUCTURAL BASIS OF P63A SAM DOMAIN MUTANTS INVOLVED IN AEC SYNDROME' 
PDB 3ZY0 unspecified 'COMPLEX 1'                                                            
# 
loop_
_audit_author.name 
_audit_author.pdbx_ordinal 
'Natan, E.'     1 
'Joerger, A.C.' 2 
# 
_citation.id                        primary 
_citation.title                     'Structure and Kinetic Stability of the P63 Tetramerization Domain.' 
_citation.journal_abbrev            J.Mol.Biol. 
_citation.journal_volume            415 
_citation.page_first                503 
_citation.page_last                 ? 
_citation.year                      2012 
_citation.journal_id_ASTM           JMOBAK 
_citation.country                   UK 
_citation.journal_id_ISSN           0022-2836 
_citation.journal_id_CSD            0070 
_citation.book_publisher            ? 
_citation.pdbx_database_id_PubMed   22100306 
_citation.pdbx_database_id_DOI      10.1016/J.JMB.2011.11.007 
# 
loop_
_citation_author.citation_id 
_citation_author.name 
_citation_author.ordinal 
_citation_author.identifier_ORCID 
primary 'Natan, E.'     1 ? 
primary 'Joerger, A.C.' 2 ? 
# 
_entity.id                         1 
_entity.type                       polymer 
_entity.src_method                 man 
_entity.pdbx_description           'TUMOR PROTEIN 63' 
_entity.formula_weight             5604.372 
_entity.pdbx_number_of_molecules   1 
_entity.pdbx_ec                    ? 
_entity.pdbx_mutation              ? 
_entity.pdbx_fragment              'TETRAMERIZATION DOMAIN, RESIDUES 398-441' 
_entity.details                    ? 
# 
_entity_name_com.entity_id   1 
_entity_name_com.name        
;P63, CHRONIC ULCERATIVE STOMATITIS PROTEIN, CUSP, KERATINOCYTE TRANSCRIPTION FACTOR KET, TRANSFORMATION-RELATED PROTEIN 63, TP63, TUMOR PROTEIN P73-LIKE, P73L, P40, P51
;
# 
_entity_poly.entity_id                      1 
_entity_poly.type                           'polypeptide(L)' 
_entity_poly.nstd_linkage                   no 
_entity_poly.nstd_monomer                   no 
_entity_poly.pdbx_seq_one_letter_code       GSDELLYLPVRGRETYEMLLKIKESLELMQYLPQHTIETYRQQQQQ 
_entity_poly.pdbx_seq_one_letter_code_can   GSDELLYLPVRGRETYEMLLKIKESLELMQYLPQHTIETYRQQQQQ 
_entity_poly.pdbx_strand_id                 A 
_entity_poly.pdbx_target_identifier         ? 
# 
loop_
_entity_poly_seq.entity_id 
_entity_poly_seq.num 
_entity_poly_seq.mon_id 
_entity_poly_seq.hetero 
1 1  GLY n 
1 2  SER n 
1 3  ASP n 
1 4  GLU n 
1 5  LEU n 
1 6  LEU n 
1 7  TYR n 
1 8  LEU n 
1 9  PRO n 
1 10 VAL n 
1 11 ARG n 
1 12 GLY n 
1 13 ARG n 
1 14 GLU n 
1 15 THR n 
1 16 TYR n 
1 17 GLU n 
1 18 MET n 
1 19 LEU n 
1 20 LEU n 
1 21 LYS n 
1 22 ILE n 
1 23 LYS n 
1 24 GLU n 
1 25 SER n 
1 26 LEU n 
1 27 GLU n 
1 28 LEU n 
1 29 MET n 
1 30 GLN n 
1 31 TYR n 
1 32 LEU n 
1 33 PRO n 
1 34 GLN n 
1 35 HIS n 
1 36 THR n 
1 37 ILE n 
1 38 GLU n 
1 39 THR n 
1 40 TYR n 
1 41 ARG n 
1 42 GLN n 
1 43 GLN n 
1 44 GLN n 
1 45 GLN n 
1 46 GLN n 
# 
_entity_src_gen.entity_id                          1 
_entity_src_gen.pdbx_src_id                        1 
_entity_src_gen.pdbx_alt_source_flag               sample 
_entity_src_gen.pdbx_seq_type                      ? 
_entity_src_gen.pdbx_beg_seq_num                   ? 
_entity_src_gen.pdbx_end_seq_num                   ? 
_entity_src_gen.gene_src_common_name               HUMAN 
_entity_src_gen.gene_src_genus                     ? 
_entity_src_gen.pdbx_gene_src_gene                 ? 
_entity_src_gen.gene_src_species                   ? 
_entity_src_gen.gene_src_strain                    ? 
_entity_src_gen.gene_src_tissue                    ? 
_entity_src_gen.gene_src_tissue_fraction           ? 
_entity_src_gen.gene_src_details                   ? 
_entity_src_gen.pdbx_gene_src_fragment             ? 
_entity_src_gen.pdbx_gene_src_scientific_name      'HOMO SAPIENS' 
_entity_src_gen.pdbx_gene_src_ncbi_taxonomy_id     9606 
_entity_src_gen.pdbx_gene_src_variant              ? 
_entity_src_gen.pdbx_gene_src_cell_line            ? 
_entity_src_gen.pdbx_gene_src_atcc                 ? 
_entity_src_gen.pdbx_gene_src_organ                ? 
_entity_src_gen.pdbx_gene_src_organelle            ? 
_entity_src_gen.pdbx_gene_src_cell                 ? 
_entity_src_gen.pdbx_gene_src_cellular_location    ? 
_entity_src_gen.host_org_common_name               ? 
_entity_src_gen.pdbx_host_org_scientific_name      'ESCHERICHIA COLI' 
_entity_src_gen.pdbx_host_org_ncbi_taxonomy_id     562 
_entity_src_gen.host_org_genus                     ? 
_entity_src_gen.pdbx_host_org_gene                 ? 
_entity_src_gen.pdbx_host_org_organ                ? 
_entity_src_gen.host_org_species                   ? 
_entity_src_gen.pdbx_host_org_tissue               ? 
_entity_src_gen.pdbx_host_org_tissue_fraction      ? 
_entity_src_gen.pdbx_host_org_strain               ? 
_entity_src_gen.pdbx_host_org_variant              ? 
_entity_src_gen.pdbx_host_org_cell_line            ? 
_entity_src_gen.pdbx_host_org_atcc                 ? 
_entity_src_gen.pdbx_host_org_culture_collection   ? 
_entity_src_gen.pdbx_host_org_cell                 ? 
_entity_src_gen.pdbx_host_org_organelle            ? 
_entity_src_gen.pdbx_host_org_cellular_location    ? 
_entity_src_gen.pdbx_host_org_vector_type          ? 
_entity_src_gen.pdbx_host_org_vector               ? 
_entity_src_gen.host_org_details                   ? 
_entity_src_gen.expression_system_id               ? 
_entity_src_gen.plasmid_name                       ? 
_entity_src_gen.plasmid_details                    ? 
_entity_src_gen.pdbx_description                   ? 
# 
loop_
_chem_comp.id 
_chem_comp.type 
_chem_comp.mon_nstd_flag 
_chem_comp.name 
_chem_comp.pdbx_synonyms 
_chem_comp.formula 
_chem_comp.formula_weight 
ARG 'L-peptide linking' y ARGININE        ? 'C6 H15 N4 O2 1' 175.209 
ASP 'L-peptide linking' y 'ASPARTIC ACID' ? 'C4 H7 N O4'     133.103 
GLN 'L-peptide linking' y GLUTAMINE       ? 'C5 H10 N2 O3'   146.144 
GLU 'L-peptide linking' y 'GLUTAMIC ACID' ? 'C5 H9 N O4'     147.129 
GLY 'peptide linking'   y GLYCINE         ? 'C2 H5 N O2'     75.067  
HIS 'L-peptide linking' y HISTIDINE       ? 'C6 H10 N3 O2 1' 156.162 
ILE 'L-peptide linking' y ISOLEUCINE      ? 'C6 H13 N O2'    131.173 
LEU 'L-peptide linking' y LEUCINE         ? 'C6 H13 N O2'    131.173 
LYS 'L-peptide linking' y LYSINE          ? 'C6 H15 N2 O2 1' 147.195 
MET 'L-peptide linking' y METHIONINE      ? 'C5 H11 N O2 S'  149.211 
PRO 'L-peptide linking' y PROLINE         ? 'C5 H9 N O2'     115.130 
SER 'L-peptide linking' y SERINE          ? 'C3 H7 N O3'     105.093 
THR 'L-peptide linking' y THREONINE       ? 'C4 H9 N O3'     119.119 
TYR 'L-peptide linking' y TYROSINE        ? 'C9 H11 N O3'    181.189 
VAL 'L-peptide linking' y VALINE          ? 'C5 H11 N O2'    117.146 
# 
loop_
_pdbx_poly_seq_scheme.asym_id 
_pdbx_poly_seq_scheme.entity_id 
_pdbx_poly_seq_scheme.seq_id 
_pdbx_poly_seq_scheme.mon_id 
_pdbx_poly_seq_scheme.ndb_seq_num 
_pdbx_poly_seq_scheme.pdb_seq_num 
_pdbx_poly_seq_scheme.auth_seq_num 
_pdbx_poly_seq_scheme.pdb_mon_id 
_pdbx_poly_seq_scheme.auth_mon_id 
_pdbx_poly_seq_scheme.pdb_strand_id 
_pdbx_poly_seq_scheme.pdb_ins_code 
_pdbx_poly_seq_scheme.hetero 
A 1 1  GLY 1  357 ?   ?   ?   A . n 
A 1 2  SER 2  358 ?   ?   ?   A . n 
A 1 3  ASP 3  359 359 ASP ASP A . n 
A 1 4  GLU 4  360 360 GLU GLU A . n 
A 1 5  LEU 5  361 361 LEU LEU A . n 
A 1 6  LEU 6  362 362 LEU LEU A . n 
A 1 7  TYR 7  363 363 TYR TYR A . n 
A 1 8  LEU 8  364 364 LEU LEU A . n 
A 1 9  PRO 9  365 365 PRO PRO A . n 
A 1 10 VAL 10 366 366 VAL VAL A . n 
A 1 11 ARG 11 367 367 ARG ARG A . n 
A 1 12 GLY 12 368 368 GLY GLY A . n 
A 1 13 ARG 13 369 369 ARG ARG A . n 
A 1 14 GLU 14 370 370 GLU GLU A . n 
A 1 15 THR 15 371 371 THR THR A . n 
A 1 16 TYR 16 372 372 TYR TYR A . n 
A 1 17 GLU 17 373 373 GLU GLU A . n 
A 1 18 MET 18 374 374 MET MET A . n 
A 1 19 LEU 19 375 375 LEU LEU A . n 
A 1 20 LEU 20 376 376 LEU LEU A . n 
A 1 21 LYS 21 377 377 LYS LYS A . n 
A 1 22 ILE 22 378 378 ILE ILE A . n 
A 1 23 LYS 23 379 379 LYS LYS A . n 
A 1 24 GLU 24 380 380 GLU GLU A . n 
A 1 25 SER 25 381 381 SER SER A . n 
A 1 26 LEU 26 382 382 LEU LEU A . n 
A 1 27 GLU 27 383 383 GLU GLU A . n 
A 1 28 LEU 28 384 384 LEU LEU A . n 
A 1 29 MET 29 385 385 MET MET A . n 
A 1 30 GLN 30 386 386 GLN GLN A . n 
A 1 31 TYR 31 387 387 TYR TYR A . n 
A 1 32 LEU 32 388 388 LEU LEU A . n 
A 1 33 PRO 33 389 389 PRO PRO A . n 
A 1 34 GLN 34 390 390 GLN GLN A . n 
A 1 35 HIS 35 391 391 HIS HIS A . n 
A 1 36 THR 36 392 392 THR THR A . n 
A 1 37 ILE 37 393 393 ILE ILE A . n 
A 1 38 GLU 38 394 394 GLU GLU A . n 
A 1 39 THR 39 395 395 THR THR A . n 
A 1 40 TYR 40 396 396 TYR TYR A . n 
A 1 41 ARG 41 397 397 ARG ARG A . n 
A 1 42 GLN 42 398 398 GLN GLN A . n 
A 1 43 GLN 43 399 ?   ?   ?   A . n 
A 1 44 GLN 44 400 ?   ?   ?   A . n 
A 1 45 GLN 45 401 ?   ?   ?   A . n 
A 1 46 GLN 46 402 ?   ?   ?   A . n 
# 
loop_
_pdbx_unobs_or_zero_occ_atoms.id 
_pdbx_unobs_or_zero_occ_atoms.PDB_model_num 
_pdbx_unobs_or_zero_occ_atoms.polymer_flag 
_pdbx_unobs_or_zero_occ_atoms.occupancy_flag 
_pdbx_unobs_or_zero_occ_atoms.auth_asym_id 
_pdbx_unobs_or_zero_occ_atoms.auth_comp_id 
_pdbx_unobs_or_zero_occ_atoms.auth_seq_id 
_pdbx_unobs_or_zero_occ_atoms.PDB_ins_code 
_pdbx_unobs_or_zero_occ_atoms.auth_atom_id 
_pdbx_unobs_or_zero_occ_atoms.label_alt_id 
_pdbx_unobs_or_zero_occ_atoms.label_asym_id 
_pdbx_unobs_or_zero_occ_atoms.label_comp_id 
_pdbx_unobs_or_zero_occ_atoms.label_seq_id 
_pdbx_unobs_or_zero_occ_atoms.label_atom_id 
1  1 Y 1 A ARG 367 ? CG  ? A ARG 11 CG  
2  1 Y 1 A ARG 367 ? CD  ? A ARG 11 CD  
3  1 Y 1 A ARG 367 ? NE  ? A ARG 11 NE  
4  1 Y 1 A ARG 367 ? CZ  ? A ARG 11 CZ  
5  1 Y 1 A ARG 367 ? NH1 ? A ARG 11 NH1 
6  1 Y 1 A ARG 367 ? NH2 ? A ARG 11 NH2 
7  1 Y 1 A GLU 370 ? CG  ? A GLU 14 CG  
8  1 Y 1 A GLU 370 ? CD  ? A GLU 14 CD  
9  1 Y 1 A GLU 370 ? OE1 ? A GLU 14 OE1 
10 1 Y 1 A GLU 370 ? OE2 ? A GLU 14 OE2 
11 1 Y 1 A GLN 398 ? CG  ? A GLN 42 CG  
12 1 Y 1 A GLN 398 ? CD  ? A GLN 42 CD  
13 1 Y 1 A GLN 398 ? OE1 ? A GLN 42 OE1 
14 1 Y 1 A GLN 398 ? NE2 ? A GLN 42 NE2 
# 
_software.name             REFMAC 
_software.classification   refinement 
_software.version          5.6.0116 
_software.citation_id      ? 
_software.pdbx_ordinal     1 
# 
_cell.entry_id           3ZY1 
_cell.length_a           58.198 
_cell.length_b           58.198 
_cell.length_c           39.328 
_cell.angle_alpha        90.00 
_cell.angle_beta         90.00 
_cell.angle_gamma        90.00 
_cell.Z_PDB              8 
_cell.pdbx_unique_axis   ? 
# 
_symmetry.entry_id                         3ZY1 
_symmetry.space_group_name_H-M             'P 4 2 2' 
_symmetry.pdbx_full_space_group_name_H-M   ? 
_symmetry.cell_setting                     ? 
_symmetry.Int_Tables_number                89 
# 
_exptl.entry_id          3ZY1 
_exptl.method            'X-RAY DIFFRACTION' 
_exptl.crystals_number   ? 
# 
_exptl_crystal.id                    1 
_exptl_crystal.density_meas          ? 
_exptl_crystal.density_Matthews      3 
_exptl_crystal.density_percent_sol   59 
_exptl_crystal.description           NONE 
# 
_exptl_crystal_grow.crystal_id      1 
_exptl_crystal_grow.method          'VAPOR DIFFUSION, SITTING DROP' 
_exptl_crystal_grow.temp            290 
_exptl_crystal_grow.temp_details    ? 
_exptl_crystal_grow.pH              ? 
_exptl_crystal_grow.pdbx_pH_range   ? 
_exptl_crystal_grow.pdbx_details    
;SITTING DROP VAPOR DIFFUSION AT 17 DEGREE C. PROTEIN SOLUTION: 12-15 MG/ML IN 20 MM TRIS PH 8.5, 50 MM NACL CRYSTALLIZATION BUFFER: 10% PEG 8000, 0.1 M HEPES PH 7.5, AND 0.2 M CA ACETATE
;
# 
_diffrn.id                     1 
_diffrn.ambient_temp           100 
_diffrn.ambient_temp_details   ? 
_diffrn.crystal_id             1 
# 
_diffrn_detector.diffrn_id              1 
_diffrn_detector.detector               CCD 
_diffrn_detector.type                   'ADSC CCD' 
_diffrn_detector.pdbx_collection_date   ? 
_diffrn_detector.details                ? 
# 
_diffrn_radiation.diffrn_id                        1 
_diffrn_radiation.wavelength_id                    1 
_diffrn_radiation.pdbx_monochromatic_or_laue_m_l   M 
_diffrn_radiation.monochromator                    ? 
_diffrn_radiation.pdbx_diffrn_protocol             MAD 
_diffrn_radiation.pdbx_scattering_type             x-ray 
# 
_diffrn_radiation_wavelength.id           1 
_diffrn_radiation_wavelength.wavelength   0.9791 
_diffrn_radiation_wavelength.wt           1.0 
# 
_diffrn_source.diffrn_id                   1 
_diffrn_source.source                      SYNCHROTRON 
_diffrn_source.type                        'DIAMOND BEAMLINE I03' 
_diffrn_source.pdbx_synchrotron_site       Diamond 
_diffrn_source.pdbx_synchrotron_beamline   I03 
_diffrn_source.pdbx_wavelength             0.9791 
_diffrn_source.pdbx_wavelength_list        ? 
# 
_reflns.pdbx_diffrn_id               1 
_reflns.pdbx_ordinal                 1 
_reflns.entry_id                     3ZY1 
_reflns.observed_criterion_sigma_I   2.0 
_reflns.observed_criterion_sigma_F   ? 
_reflns.d_resolution_low             58.20 
_reflns.d_resolution_high            2.15 
_reflns.number_obs                   3966 
_reflns.number_all                   ? 
_reflns.percent_possible_obs         99.4 
_reflns.pdbx_Rmerge_I_obs            0.05 
_reflns.pdbx_Rsym_value              ? 
_reflns.pdbx_netI_over_sigmaI        23.70 
_reflns.B_iso_Wilson_estimate        52.2 
_reflns.pdbx_redundancy              9.4 
# 
_reflns_shell.pdbx_diffrn_id         1 
_reflns_shell.pdbx_ordinal           1 
_reflns_shell.d_res_high             2.15 
_reflns_shell.d_res_low              2.27 
_reflns_shell.percent_possible_all   99.8 
_reflns_shell.Rmerge_I_obs           0.80 
_reflns_shell.pdbx_Rsym_value        ? 
_reflns_shell.meanI_over_sigI_obs    3.30 
_reflns_shell.pdbx_redundancy        9.7 
# 
_refine.pdbx_refine_id                           'X-RAY DIFFRACTION' 
_refine.entry_id                                 3ZY1 
_refine.pdbx_diffrn_id                           1 
_refine.pdbx_TLS_residual_ADP_flag               ? 
_refine.ls_number_reflns_obs                     3785 
_refine.ls_number_reflns_all                     ? 
_refine.pdbx_ls_sigma_I                          ? 
_refine.pdbx_ls_sigma_F                          . 
_refine.pdbx_data_cutoff_high_absF               ? 
_refine.pdbx_data_cutoff_low_absF                ? 
_refine.pdbx_data_cutoff_high_rms_absF           ? 
_refine.ls_d_res_low                             58.20 
_refine.ls_d_res_high                            2.15 
_refine.ls_percent_reflns_obs                    99.03 
_refine.ls_R_factor_obs                          0.23793 
_refine.ls_R_factor_all                          ? 
_refine.ls_R_factor_R_work                       0.23574 
_refine.ls_R_factor_R_free                       0.28517 
_refine.ls_R_factor_R_free_error                 ? 
_refine.ls_R_factor_R_free_error_details         ? 
_refine.ls_percent_reflns_R_free                 4.5 
_refine.ls_number_reflns_R_free                  178 
_refine.ls_number_parameters                     ? 
_refine.ls_number_restraints                     ? 
_refine.occupancy_min                            ? 
_refine.occupancy_max                            ? 
_refine.correlation_coeff_Fo_to_Fc               0.953 
_refine.correlation_coeff_Fo_to_Fc_free          0.941 
_refine.B_iso_mean                               81.041 
_refine.aniso_B[1][1]                            3.54 
_refine.aniso_B[2][2]                            3.54 
_refine.aniso_B[3][3]                            -7.08 
_refine.aniso_B[1][2]                            0.00 
_refine.aniso_B[1][3]                            0.00 
_refine.aniso_B[2][3]                            0.00 
_refine.solvent_model_details                    'BABINET MODEL WITH MASK' 
_refine.solvent_model_param_ksol                 ? 
_refine.solvent_model_param_bsol                 ? 
_refine.pdbx_solvent_vdw_probe_radii             1.20 
_refine.pdbx_solvent_ion_probe_radii             0.80 
_refine.pdbx_solvent_shrinkage_radii             0.80 
_refine.pdbx_ls_cross_valid_method               THROUGHOUT 
_refine.details                                  'HYDROGENS HAVE BEEN ADDED IN THE RIDING POSITIONS.' 
_refine.pdbx_starting_model                      NONE 
_refine.pdbx_method_to_determine_struct          MAD 
_refine.pdbx_isotropic_thermal_model             ? 
_refine.pdbx_stereochemistry_target_values       'MAXIMUM LIKELIHOOD' 
_refine.pdbx_stereochem_target_val_spec_case     ? 
_refine.pdbx_R_Free_selection_details            RANDOM 
_refine.pdbx_overall_ESU_R                       0.190 
_refine.pdbx_overall_ESU_R_Free                  0.185 
_refine.overall_SU_ML                            0.159 
_refine.pdbx_overall_phase_error                 ? 
_refine.overall_SU_B                             16.467 
_refine.overall_SU_R_Cruickshank_DPI             ? 
_refine.pdbx_overall_SU_R_free_Cruickshank_DPI   ? 
_refine.pdbx_overall_SU_R_Blow_DPI               ? 
_refine.pdbx_overall_SU_R_free_Blow_DPI          ? 
# 
_refine_hist.pdbx_refine_id                   'X-RAY DIFFRACTION' 
_refine_hist.cycle_id                         LAST 
_refine_hist.pdbx_number_atoms_protein        332 
_refine_hist.pdbx_number_atoms_nucleic_acid   0 
_refine_hist.pdbx_number_atoms_ligand         0 
_refine_hist.number_atoms_solvent             0 
_refine_hist.number_atoms_total               332 
_refine_hist.d_res_high                       2.15 
_refine_hist.d_res_low                        58.20 
# 
loop_
_refine_ls_restr.type 
_refine_ls_restr.dev_ideal 
_refine_ls_restr.dev_ideal_target 
_refine_ls_restr.weight 
_refine_ls_restr.number 
_refine_ls_restr.pdbx_refine_id 
_refine_ls_restr.pdbx_restraint_function 
r_bond_refined_d             0.012  0.022  ? 338 'X-RAY DIFFRACTION' ? 
r_bond_other_d               ?      ?      ? ?   'X-RAY DIFFRACTION' ? 
r_angle_refined_deg          1.354  2.028  ? 457 'X-RAY DIFFRACTION' ? 
r_angle_other_deg            ?      ?      ? ?   'X-RAY DIFFRACTION' ? 
r_dihedral_angle_1_deg       5.497  5.000  ? 39  'X-RAY DIFFRACTION' ? 
r_dihedral_angle_2_deg       29.343 24.000 ? 15  'X-RAY DIFFRACTION' ? 
r_dihedral_angle_3_deg       15.173 15.000 ? 65  'X-RAY DIFFRACTION' ? 
r_dihedral_angle_4_deg       16.024 15.000 ? 2   'X-RAY DIFFRACTION' ? 
r_chiral_restr               0.070  0.200  ? 53  'X-RAY DIFFRACTION' ? 
r_gen_planes_refined         0.004  0.021  ? 244 'X-RAY DIFFRACTION' ? 
r_gen_planes_other           ?      ?      ? ?   'X-RAY DIFFRACTION' ? 
r_nbd_refined                ?      ?      ? ?   'X-RAY DIFFRACTION' ? 
r_nbd_other                  ?      ?      ? ?   'X-RAY DIFFRACTION' ? 
r_nbtor_refined              ?      ?      ? ?   'X-RAY DIFFRACTION' ? 
r_nbtor_other                ?      ?      ? ?   'X-RAY DIFFRACTION' ? 
r_xyhbond_nbd_refined        ?      ?      ? ?   'X-RAY DIFFRACTION' ? 
r_xyhbond_nbd_other          ?      ?      ? ?   'X-RAY DIFFRACTION' ? 
r_metal_ion_refined          ?      ?      ? ?   'X-RAY DIFFRACTION' ? 
r_metal_ion_other            ?      ?      ? ?   'X-RAY DIFFRACTION' ? 
r_symmetry_vdw_refined       ?      ?      ? ?   'X-RAY DIFFRACTION' ? 
r_symmetry_vdw_other         ?      ?      ? ?   'X-RAY DIFFRACTION' ? 
r_symmetry_hbond_refined     ?      ?      ? ?   'X-RAY DIFFRACTION' ? 
r_symmetry_hbond_other       ?      ?      ? ?   'X-RAY DIFFRACTION' ? 
r_symmetry_metal_ion_refined ?      ?      ? ?   'X-RAY DIFFRACTION' ? 
r_symmetry_metal_ion_other   ?      ?      ? ?   'X-RAY DIFFRACTION' ? 
r_mcbond_it                  ?      ?      ? ?   'X-RAY DIFFRACTION' ? 
r_mcbond_other               ?      ?      ? ?   'X-RAY DIFFRACTION' ? 
r_mcangle_it                 ?      ?      ? ?   'X-RAY DIFFRACTION' ? 
r_mcangle_other              ?      ?      ? ?   'X-RAY DIFFRACTION' ? 
r_scbond_it                  ?      ?      ? ?   'X-RAY DIFFRACTION' ? 
r_scbond_other               ?      ?      ? ?   'X-RAY DIFFRACTION' ? 
r_scangle_it                 ?      ?      ? ?   'X-RAY DIFFRACTION' ? 
r_scangle_other              ?      ?      ? ?   'X-RAY DIFFRACTION' ? 
r_long_range_B_refined       ?      ?      ? ?   'X-RAY DIFFRACTION' ? 
r_long_range_B_other         ?      ?      ? ?   'X-RAY DIFFRACTION' ? 
r_rigid_bond_restr           ?      ?      ? ?   'X-RAY DIFFRACTION' ? 
r_sphericity_free            ?      ?      ? ?   'X-RAY DIFFRACTION' ? 
r_sphericity_bonded          ?      ?      ? ?   'X-RAY DIFFRACTION' ? 
# 
_refine_ls_shell.pdbx_refine_id                   'X-RAY DIFFRACTION' 
_refine_ls_shell.pdbx_total_number_of_bins_used   20 
_refine_ls_shell.d_res_high                       2.151 
_refine_ls_shell.d_res_low                        2.206 
_refine_ls_shell.number_reflns_R_work             216 
_refine_ls_shell.R_factor_R_work                  0.367 
_refine_ls_shell.percent_reflns_obs               99.57 
_refine_ls_shell.R_factor_R_free                  0.431 
_refine_ls_shell.R_factor_R_free_error            ? 
_refine_ls_shell.percent_reflns_R_free            ? 
_refine_ls_shell.number_reflns_R_free             18 
_refine_ls_shell.number_reflns_all                ? 
_refine_ls_shell.R_factor_all                     ? 
# 
_struct.entry_id                  3ZY1 
_struct.title                     'Crystal structure of the human p63 tetramerization domain' 
_struct.pdbx_model_details        ? 
_struct.pdbx_CASP_flag            ? 
_struct.pdbx_model_type_details   ? 
# 
_struct_keywords.entry_id        3ZY1 
_struct_keywords.pdbx_keywords   TRANSCRIPTION 
_struct_keywords.text            'TRANSCRIPTION, TRANSCRIPTION FACTOR, TETRAMERIZATION DOMAIN, CELL-CYCLE CONTROL' 
# 
_struct_asym.id                            A 
_struct_asym.pdbx_blank_PDB_chainid_flag   N 
_struct_asym.pdbx_modified                 N 
_struct_asym.entity_id                     1 
_struct_asym.details                       ? 
# 
_struct_ref.id                         1 
_struct_ref.db_name                    UNP 
_struct_ref.db_code                    P63_HUMAN 
_struct_ref.entity_id                  1 
_struct_ref.pdbx_seq_one_letter_code   ? 
_struct_ref.pdbx_align_begin           ? 
_struct_ref.pdbx_db_accession          Q9H3D4 
_struct_ref.pdbx_db_isoform            ? 
# 
_struct_ref_seq.align_id                      1 
_struct_ref_seq.ref_id                        1 
_struct_ref_seq.pdbx_PDB_id_code              3ZY1 
_struct_ref_seq.pdbx_strand_id                A 
_struct_ref_seq.seq_align_beg                 3 
_struct_ref_seq.pdbx_seq_align_beg_ins_code   ? 
_struct_ref_seq.seq_align_end                 46 
_struct_ref_seq.pdbx_seq_align_end_ins_code   ? 
_struct_ref_seq.pdbx_db_accession             Q9H3D4 
_struct_ref_seq.db_align_beg                  398 
_struct_ref_seq.pdbx_db_align_beg_ins_code    ? 
_struct_ref_seq.db_align_end                  441 
_struct_ref_seq.pdbx_db_align_end_ins_code    ? 
_struct_ref_seq.pdbx_auth_seq_align_beg       359 
_struct_ref_seq.pdbx_auth_seq_align_end       402 
# 
loop_
_struct_ref_seq_dif.align_id 
_struct_ref_seq_dif.pdbx_pdb_id_code 
_struct_ref_seq_dif.mon_id 
_struct_ref_seq_dif.pdbx_pdb_strand_id 
_struct_ref_seq_dif.seq_num 
_struct_ref_seq_dif.pdbx_pdb_ins_code 
_struct_ref_seq_dif.pdbx_seq_db_name 
_struct_ref_seq_dif.pdbx_seq_db_accession_code 
_struct_ref_seq_dif.db_mon_id 
_struct_ref_seq_dif.pdbx_seq_db_seq_num 
_struct_ref_seq_dif.details 
_struct_ref_seq_dif.pdbx_auth_seq_num 
_struct_ref_seq_dif.pdbx_ordinal 
1 3ZY1 GLY A 1 ? UNP Q9H3D4 ? ? 'expression tag' 357 1 
1 3ZY1 SER A 2 ? UNP Q9H3D4 ? ? 'expression tag' 358 2 
# 
_pdbx_struct_assembly.id                   1 
_pdbx_struct_assembly.details              author_and_software_defined_assembly 
_pdbx_struct_assembly.method_details       PISA 
_pdbx_struct_assembly.oligomeric_details   tetrameric 
_pdbx_struct_assembly.oligomeric_count     4 
# 
loop_
_pdbx_struct_assembly_prop.biol_id 
_pdbx_struct_assembly_prop.type 
_pdbx_struct_assembly_prop.value 
_pdbx_struct_assembly_prop.details 
1 'ABSA (A^2)' 7870  ? 
1 MORE         -66.1 ? 
1 'SSA (A^2)'  9280  ? 
# 
_pdbx_struct_assembly_gen.assembly_id       1 
_pdbx_struct_assembly_gen.oper_expression   1,2,3,4 
_pdbx_struct_assembly_gen.asym_id_list      A 
# 
loop_
_pdbx_struct_oper_list.id 
_pdbx_struct_oper_list.type 
_pdbx_struct_oper_list.name 
_pdbx_struct_oper_list.symmetry_operation 
_pdbx_struct_oper_list.matrix[1][1] 
_pdbx_struct_oper_list.matrix[1][2] 
_pdbx_struct_oper_list.matrix[1][3] 
_pdbx_struct_oper_list.vector[1] 
_pdbx_struct_oper_list.matrix[2][1] 
_pdbx_struct_oper_list.matrix[2][2] 
_pdbx_struct_oper_list.matrix[2][3] 
_pdbx_struct_oper_list.vector[2] 
_pdbx_struct_oper_list.matrix[3][1] 
_pdbx_struct_oper_list.matrix[3][2] 
_pdbx_struct_oper_list.matrix[3][3] 
_pdbx_struct_oper_list.vector[3] 
1 'identity operation'         1_555 x,y,z       1.0000000000  0.0000000000  0.0000000000  0.0000000000 0.0000000000  1.0000000000  0.0000000000  0.0000000000   0.0000000000  0.0000000000  1.0000000000  0.0000000000  
2 'crystal symmetry operation' 6_564 x,-y+1,-z-1 0.5956141886  0.3941090437  -0.6999441407 4.8395086075 0.3941090437  -0.9026569584 -0.1728828422 -17.3321491147 -0.6999441407 -0.1728828422 -0.6929572302 1.2732900167  
3 'crystal symmetry operation' 2_565 -x,-y+1,z   -0.9140468142 0.2368273099  0.3292890019  8.3323708963 0.2368273099  -0.3474683437 0.9072918910  -12.3689999433 0.3292890019  0.9072918910  0.2615151579  6.7209142903  
4 'crystal symmetry operation' 5_554 -x,y,-z-1   -0.6815673744 -0.6309363536 0.3706551388  0.2233876208 -0.6309363536 0.2501253021  -0.7344090488 -4.0452532861  0.3706551388  -0.7344090488 -0.5685579277 -7.0778224557 
# 
_struct_biol.id   1 
# 
loop_
_struct_conf.conf_type_id 
_struct_conf.id 
_struct_conf.pdbx_PDB_helix_id 
_struct_conf.beg_label_comp_id 
_struct_conf.beg_label_asym_id 
_struct_conf.beg_label_seq_id 
_struct_conf.pdbx_beg_PDB_ins_code 
_struct_conf.end_label_comp_id 
_struct_conf.end_label_asym_id 
_struct_conf.end_label_seq_id 
_struct_conf.pdbx_end_PDB_ins_code 
_struct_conf.beg_auth_comp_id 
_struct_conf.beg_auth_asym_id 
_struct_conf.beg_auth_seq_id 
_struct_conf.end_auth_comp_id 
_struct_conf.end_auth_asym_id 
_struct_conf.end_auth_seq_id 
_struct_conf.pdbx_PDB_helix_class 
_struct_conf.details 
_struct_conf.pdbx_PDB_helix_length 
HELX_P HELX_P1 1 GLY A 12 ? LEU A 28 ? GLY A 368 LEU A 384 1 ? 17 
HELX_P HELX_P2 2 MET A 29 ? LEU A 32 ? MET A 385 LEU A 388 5 ? 4  
HELX_P HELX_P3 3 PRO A 33 ? GLN A 42 ? PRO A 389 GLN A 398 1 ? 10 
# 
_struct_conf_type.id          HELX_P 
_struct_conf_type.criteria    ? 
_struct_conf_type.reference   ? 
# 
_pdbx_refine_tls.pdbx_refine_id   'X-RAY DIFFRACTION' 
_pdbx_refine_tls.id               1 
_pdbx_refine_tls.details          ? 
_pdbx_refine_tls.method           refined 
_pdbx_refine_tls.origin_x         -0.2254 
_pdbx_refine_tls.origin_y         0.4116 
_pdbx_refine_tls.origin_z         0.0314 
_pdbx_refine_tls.T[1][1]          0.0743 
_pdbx_refine_tls.T[2][2]          0.0406 
_pdbx_refine_tls.T[3][3]          0.1263 
_pdbx_refine_tls.T[1][2]          0.0084 
_pdbx_refine_tls.T[1][3]          -0.0525 
_pdbx_refine_tls.T[2][3]          0.0433 
_pdbx_refine_tls.L[1][1]          8.5657 
_pdbx_refine_tls.L[2][2]          6.1955 
_pdbx_refine_tls.L[3][3]          8.2566 
_pdbx_refine_tls.L[1][2]          -5.3501 
_pdbx_refine_tls.L[1][3]          5.5065 
_pdbx_refine_tls.L[2][3]          -3.0095 
_pdbx_refine_tls.S[1][1]          -0.3220 
_pdbx_refine_tls.S[1][2]          -0.0748 
_pdbx_refine_tls.S[1][3]          0.3721 
_pdbx_refine_tls.S[2][1]          0.5199 
_pdbx_refine_tls.S[2][2]          0.2734 
_pdbx_refine_tls.S[2][3]          -0.1808 
_pdbx_refine_tls.S[3][1]          -0.2065 
_pdbx_refine_tls.S[3][2]          -0.1633 
_pdbx_refine_tls.S[3][3]          0.0485 
# 
_pdbx_refine_tls_group.pdbx_refine_id      'X-RAY DIFFRACTION' 
_pdbx_refine_tls_group.id                  1 
_pdbx_refine_tls_group.refine_tls_id       1 
_pdbx_refine_tls_group.beg_auth_asym_id    A 
_pdbx_refine_tls_group.beg_auth_seq_id     359 
_pdbx_refine_tls_group.beg_label_asym_id   ? 
_pdbx_refine_tls_group.beg_label_seq_id    ? 
_pdbx_refine_tls_group.end_auth_asym_id    A 
_pdbx_refine_tls_group.end_auth_seq_id     398 
_pdbx_refine_tls_group.end_label_asym_id   ? 
_pdbx_refine_tls_group.end_label_seq_id    ? 
_pdbx_refine_tls_group.selection           ? 
_pdbx_refine_tls_group.selection_details   ? 
# 
loop_
_pdbx_unobs_or_zero_occ_residues.id 
_pdbx_unobs_or_zero_occ_residues.PDB_model_num 
_pdbx_unobs_or_zero_occ_residues.polymer_flag 
_pdbx_unobs_or_zero_occ_residues.occupancy_flag 
_pdbx_unobs_or_zero_occ_residues.auth_asym_id 
_pdbx_unobs_or_zero_occ_residues.auth_comp_id 
_pdbx_unobs_or_zero_occ_residues.auth_seq_id 
_pdbx_unobs_or_zero_occ_residues.PDB_ins_code 
_pdbx_unobs_or_zero_occ_residues.label_asym_id 
_pdbx_unobs_or_zero_occ_residues.label_comp_id 
_pdbx_unobs_or_zero_occ_residues.label_seq_id 
1 1 Y 1 A GLY 357 ? A GLY 1  
2 1 Y 1 A SER 358 ? A SER 2  
3 1 Y 1 A GLN 399 ? A GLN 43 
4 1 Y 1 A GLN 400 ? A GLN 44 
5 1 Y 1 A GLN 401 ? A GLN 45 
6 1 Y 1 A GLN 402 ? A GLN 46 
# 
loop_
_chem_comp_atom.comp_id 
_chem_comp_atom.atom_id 
_chem_comp_atom.type_symbol 
_chem_comp_atom.pdbx_aromatic_flag 
_chem_comp_atom.pdbx_stereo_config 
_chem_comp_atom.pdbx_ordinal 
ARG N    N N N 1   
ARG CA   C N S 2   
ARG C    C N N 3   
ARG O    O N N 4   
ARG CB   C N N 5   
ARG CG   C N N 6   
ARG CD   C N N 7   
ARG NE   N N N 8   
ARG CZ   C N N 9   
ARG NH1  N N N 10  
ARG NH2  N N N 11  
ARG OXT  O N N 12  
ARG H    H N N 13  
ARG H2   H N N 14  
ARG HA   H N N 15  
ARG HB2  H N N 16  
ARG HB3  H N N 17  
ARG HG2  H N N 18  
ARG HG3  H N N 19  
ARG HD2  H N N 20  
ARG HD3  H N N 21  
ARG HE   H N N 22  
ARG HH11 H N N 23  
ARG HH12 H N N 24  
ARG HH21 H N N 25  
ARG HH22 H N N 26  
ARG HXT  H N N 27  
ASP N    N N N 28  
ASP CA   C N S 29  
ASP C    C N N 30  
ASP O    O N N 31  
ASP CB   C N N 32  
ASP CG   C N N 33  
ASP OD1  O N N 34  
ASP OD2  O N N 35  
ASP OXT  O N N 36  
ASP H    H N N 37  
ASP H2   H N N 38  
ASP HA   H N N 39  
ASP HB2  H N N 40  
ASP HB3  H N N 41  
ASP HD2  H N N 42  
ASP HXT  H N N 43  
GLN N    N N N 44  
GLN CA   C N S 45  
GLN C    C N N 46  
GLN O    O N N 47  
GLN CB   C N N 48  
GLN CG   C N N 49  
GLN CD   C N N 50  
GLN OE1  O N N 51  
GLN NE2  N N N 52  
GLN OXT  O N N 53  
GLN H    H N N 54  
GLN H2   H N N 55  
GLN HA   H N N 56  
GLN HB2  H N N 57  
GLN HB3  H N N 58  
GLN HG2  H N N 59  
GLN HG3  H N N 60  
GLN HE21 H N N 61  
GLN HE22 H N N 62  
GLN HXT  H N N 63  
GLU N    N N N 64  
GLU CA   C N S 65  
GLU C    C N N 66  
GLU O    O N N 67  
GLU CB   C N N 68  
GLU CG   C N N 69  
GLU CD   C N N 70  
GLU OE1  O N N 71  
GLU OE2  O N N 72  
GLU OXT  O N N 73  
GLU H    H N N 74  
GLU H2   H N N 75  
GLU HA   H N N 76  
GLU HB2  H N N 77  
GLU HB3  H N N 78  
GLU HG2  H N N 79  
GLU HG3  H N N 80  
GLU HE2  H N N 81  
GLU HXT  H N N 82  
GLY N    N N N 83  
GLY CA   C N N 84  
GLY C    C N N 85  
GLY O    O N N 86  
GLY OXT  O N N 87  
GLY H    H N N 88  
GLY H2   H N N 89  
GLY HA2  H N N 90  
GLY HA3  H N N 91  
GLY HXT  H N N 92  
HIS N    N N N 93  
HIS CA   C N S 94  
HIS C    C N N 95  
HIS O    O N N 96  
HIS CB   C N N 97  
HIS CG   C Y N 98  
HIS ND1  N Y N 99  
HIS CD2  C Y N 100 
HIS CE1  C Y N 101 
HIS NE2  N Y N 102 
HIS OXT  O N N 103 
HIS H    H N N 104 
HIS H2   H N N 105 
HIS HA   H N N 106 
HIS HB2  H N N 107 
HIS HB3  H N N 108 
HIS HD1  H N N 109 
HIS HD2  H N N 110 
HIS HE1  H N N 111 
HIS HE2  H N N 112 
HIS HXT  H N N 113 
ILE N    N N N 114 
ILE CA   C N S 115 
ILE C    C N N 116 
ILE O    O N N 117 
ILE CB   C N S 118 
ILE CG1  C N N 119 
ILE CG2  C N N 120 
ILE CD1  C N N 121 
ILE OXT  O N N 122 
ILE H    H N N 123 
ILE H2   H N N 124 
ILE HA   H N N 125 
ILE HB   H N N 126 
ILE HG12 H N N 127 
ILE HG13 H N N 128 
ILE HG21 H N N 129 
ILE HG22 H N N 130 
ILE HG23 H N N 131 
ILE HD11 H N N 132 
ILE HD12 H N N 133 
ILE HD13 H N N 134 
ILE HXT  H N N 135 
LEU N    N N N 136 
LEU CA   C N S 137 
LEU C    C N N 138 
LEU O    O N N 139 
LEU CB   C N N 140 
LEU CG   C N N 141 
LEU CD1  C N N 142 
LEU CD2  C N N 143 
LEU OXT  O N N 144 
LEU H    H N N 145 
LEU H2   H N N 146 
LEU HA   H N N 147 
LEU HB2  H N N 148 
LEU HB3  H N N 149 
LEU HG   H N N 150 
LEU HD11 H N N 151 
LEU HD12 H N N 152 
LEU HD13 H N N 153 
LEU HD21 H N N 154 
LEU HD22 H N N 155 
LEU HD23 H N N 156 
LEU HXT  H N N 157 
LYS N    N N N 158 
LYS CA   C N S 159 
LYS C    C N N 160 
LYS O    O N N 161 
LYS CB   C N N 162 
LYS CG   C N N 163 
LYS CD   C N N 164 
LYS CE   C N N 165 
LYS NZ   N N N 166 
LYS OXT  O N N 167 
LYS H    H N N 168 
LYS H2   H N N 169 
LYS HA   H N N 170 
LYS HB2  H N N 171 
LYS HB3  H N N 172 
LYS HG2  H N N 173 
LYS HG3  H N N 174 
LYS HD2  H N N 175 
LYS HD3  H N N 176 
LYS HE2  H N N 177 
LYS HE3  H N N 178 
LYS HZ1  H N N 179 
LYS HZ2  H N N 180 
LYS HZ3  H N N 181 
LYS HXT  H N N 182 
MET N    N N N 183 
MET CA   C N S 184 
MET C    C N N 185 
MET O    O N N 186 
MET CB   C N N 187 
MET CG   C N N 188 
MET SD   S N N 189 
MET CE   C N N 190 
MET OXT  O N N 191 
MET H    H N N 192 
MET H2   H N N 193 
MET HA   H N N 194 
MET HB2  H N N 195 
MET HB3  H N N 196 
MET HG2  H N N 197 
MET HG3  H N N 198 
MET HE1  H N N 199 
MET HE2  H N N 200 
MET HE3  H N N 201 
MET HXT  H N N 202 
PRO N    N N N 203 
PRO CA   C N S 204 
PRO C    C N N 205 
PRO O    O N N 206 
PRO CB   C N N 207 
PRO CG   C N N 208 
PRO CD   C N N 209 
PRO OXT  O N N 210 
PRO H    H N N 211 
PRO HA   H N N 212 
PRO HB2  H N N 213 
PRO HB3  H N N 214 
PRO HG2  H N N 215 
PRO HG3  H N N 216 
PRO HD2  H N N 217 
PRO HD3  H N N 218 
PRO HXT  H N N 219 
SER N    N N N 220 
SER CA   C N S 221 
SER C    C N N 222 
SER O    O N N 223 
SER CB   C N N 224 
SER OG   O N N 225 
SER OXT  O N N 226 
SER H    H N N 227 
SER H2   H N N 228 
SER HA   H N N 229 
SER HB2  H N N 230 
SER HB3  H N N 231 
SER HG   H N N 232 
SER HXT  H N N 233 
THR N    N N N 234 
THR CA   C N S 235 
THR C    C N N 236 
THR O    O N N 237 
THR CB   C N R 238 
THR OG1  O N N 239 
THR CG2  C N N 240 
THR OXT  O N N 241 
THR H    H N N 242 
THR H2   H N N 243 
THR HA   H N N 244 
THR HB   H N N 245 
THR HG1  H N N 246 
THR HG21 H N N 247 
THR HG22 H N N 248 
THR HG23 H N N 249 
THR HXT  H N N 250 
TYR N    N N N 251 
TYR CA   C N S 252 
TYR C    C N N 253 
TYR O    O N N 254 
TYR CB   C N N 255 
TYR CG   C Y N 256 
TYR CD1  C Y N 257 
TYR CD2  C Y N 258 
TYR CE1  C Y N 259 
TYR CE2  C Y N 260 
TYR CZ   C Y N 261 
TYR OH   O N N 262 
TYR OXT  O N N 263 
TYR H    H N N 264 
TYR H2   H N N 265 
TYR HA   H N N 266 
TYR HB2  H N N 267 
TYR HB3  H N N 268 
TYR HD1  H N N 269 
TYR HD2  H N N 270 
TYR HE1  H N N 271 
TYR HE2  H N N 272 
TYR HH   H N N 273 
TYR HXT  H N N 274 
VAL N    N N N 275 
VAL CA   C N S 276 
VAL C    C N N 277 
VAL O    O N N 278 
VAL CB   C N N 279 
VAL CG1  C N N 280 
VAL CG2  C N N 281 
VAL OXT  O N N 282 
VAL H    H N N 283 
VAL H2   H N N 284 
VAL HA   H N N 285 
VAL HB   H N N 286 
VAL HG11 H N N 287 
VAL HG12 H N N 288 
VAL HG13 H N N 289 
VAL HG21 H N N 290 
VAL HG22 H N N 291 
VAL HG23 H N N 292 
VAL HXT  H N N 293 
# 
loop_
_chem_comp_bond.comp_id 
_chem_comp_bond.atom_id_1 
_chem_comp_bond.atom_id_2 
_chem_comp_bond.value_order 
_chem_comp_bond.pdbx_aromatic_flag 
_chem_comp_bond.pdbx_stereo_config 
_chem_comp_bond.pdbx_ordinal 
ARG N   CA   sing N N 1   
ARG N   H    sing N N 2   
ARG N   H2   sing N N 3   
ARG CA  C    sing N N 4   
ARG CA  CB   sing N N 5   
ARG CA  HA   sing N N 6   
ARG C   O    doub N N 7   
ARG C   OXT  sing N N 8   
ARG CB  CG   sing N N 9   
ARG CB  HB2  sing N N 10  
ARG CB  HB3  sing N N 11  
ARG CG  CD   sing N N 12  
ARG CG  HG2  sing N N 13  
ARG CG  HG3  sing N N 14  
ARG CD  NE   sing N N 15  
ARG CD  HD2  sing N N 16  
ARG CD  HD3  sing N N 17  
ARG NE  CZ   sing N N 18  
ARG NE  HE   sing N N 19  
ARG CZ  NH1  sing N N 20  
ARG CZ  NH2  doub N N 21  
ARG NH1 HH11 sing N N 22  
ARG NH1 HH12 sing N N 23  
ARG NH2 HH21 sing N N 24  
ARG NH2 HH22 sing N N 25  
ARG OXT HXT  sing N N 26  
ASP N   CA   sing N N 27  
ASP N   H    sing N N 28  
ASP N   H2   sing N N 29  
ASP CA  C    sing N N 30  
ASP CA  CB   sing N N 31  
ASP CA  HA   sing N N 32  
ASP C   O    doub N N 33  
ASP C   OXT  sing N N 34  
ASP CB  CG   sing N N 35  
ASP CB  HB2  sing N N 36  
ASP CB  HB3  sing N N 37  
ASP CG  OD1  doub N N 38  
ASP CG  OD2  sing N N 39  
ASP OD2 HD2  sing N N 40  
ASP OXT HXT  sing N N 41  
GLN N   CA   sing N N 42  
GLN N   H    sing N N 43  
GLN N   H2   sing N N 44  
GLN CA  C    sing N N 45  
GLN CA  CB   sing N N 46  
GLN CA  HA   sing N N 47  
GLN C   O    doub N N 48  
GLN C   OXT  sing N N 49  
GLN CB  CG   sing N N 50  
GLN CB  HB2  sing N N 51  
GLN CB  HB3  sing N N 52  
GLN CG  CD   sing N N 53  
GLN CG  HG2  sing N N 54  
GLN CG  HG3  sing N N 55  
GLN CD  OE1  doub N N 56  
GLN CD  NE2  sing N N 57  
GLN NE2 HE21 sing N N 58  
GLN NE2 HE22 sing N N 59  
GLN OXT HXT  sing N N 60  
GLU N   CA   sing N N 61  
GLU N   H    sing N N 62  
GLU N   H2   sing N N 63  
GLU CA  C    sing N N 64  
GLU CA  CB   sing N N 65  
GLU CA  HA   sing N N 66  
GLU C   O    doub N N 67  
GLU C   OXT  sing N N 68  
GLU CB  CG   sing N N 69  
GLU CB  HB2  sing N N 70  
GLU CB  HB3  sing N N 71  
GLU CG  CD   sing N N 72  
GLU CG  HG2  sing N N 73  
GLU CG  HG3  sing N N 74  
GLU CD  OE1  doub N N 75  
GLU CD  OE2  sing N N 76  
GLU OE2 HE2  sing N N 77  
GLU OXT HXT  sing N N 78  
GLY N   CA   sing N N 79  
GLY N   H    sing N N 80  
GLY N   H2   sing N N 81  
GLY CA  C    sing N N 82  
GLY CA  HA2  sing N N 83  
GLY CA  HA3  sing N N 84  
GLY C   O    doub N N 85  
GLY C   OXT  sing N N 86  
GLY OXT HXT  sing N N 87  
HIS N   CA   sing N N 88  
HIS N   H    sing N N 89  
HIS N   H2   sing N N 90  
HIS CA  C    sing N N 91  
HIS CA  CB   sing N N 92  
HIS CA  HA   sing N N 93  
HIS C   O    doub N N 94  
HIS C   OXT  sing N N 95  
HIS CB  CG   sing N N 96  
HIS CB  HB2  sing N N 97  
HIS CB  HB3  sing N N 98  
HIS CG  ND1  sing Y N 99  
HIS CG  CD2  doub Y N 100 
HIS ND1 CE1  doub Y N 101 
HIS ND1 HD1  sing N N 102 
HIS CD2 NE2  sing Y N 103 
HIS CD2 HD2  sing N N 104 
HIS CE1 NE2  sing Y N 105 
HIS CE1 HE1  sing N N 106 
HIS NE2 HE2  sing N N 107 
HIS OXT HXT  sing N N 108 
ILE N   CA   sing N N 109 
ILE N   H    sing N N 110 
ILE N   H2   sing N N 111 
ILE CA  C    sing N N 112 
ILE CA  CB   sing N N 113 
ILE CA  HA   sing N N 114 
ILE C   O    doub N N 115 
ILE C   OXT  sing N N 116 
ILE CB  CG1  sing N N 117 
ILE CB  CG2  sing N N 118 
ILE CB  HB   sing N N 119 
ILE CG1 CD1  sing N N 120 
ILE CG1 HG12 sing N N 121 
ILE CG1 HG13 sing N N 122 
ILE CG2 HG21 sing N N 123 
ILE CG2 HG22 sing N N 124 
ILE CG2 HG23 sing N N 125 
ILE CD1 HD11 sing N N 126 
ILE CD1 HD12 sing N N 127 
ILE CD1 HD13 sing N N 128 
ILE OXT HXT  sing N N 129 
LEU N   CA   sing N N 130 
LEU N   H    sing N N 131 
LEU N   H2   sing N N 132 
LEU CA  C    sing N N 133 
LEU CA  CB   sing N N 134 
LEU CA  HA   sing N N 135 
LEU C   O    doub N N 136 
LEU C   OXT  sing N N 137 
LEU CB  CG   sing N N 138 
LEU CB  HB2  sing N N 139 
LEU CB  HB3  sing N N 140 
LEU CG  CD1  sing N N 141 
LEU CG  CD2  sing N N 142 
LEU CG  HG   sing N N 143 
LEU CD1 HD11 sing N N 144 
LEU CD1 HD12 sing N N 145 
LEU CD1 HD13 sing N N 146 
LEU CD2 HD21 sing N N 147 
LEU CD2 HD22 sing N N 148 
LEU CD2 HD23 sing N N 149 
LEU OXT HXT  sing N N 150 
LYS N   CA   sing N N 151 
LYS N   H    sing N N 152 
LYS N   H2   sing N N 153 
LYS CA  C    sing N N 154 
LYS CA  CB   sing N N 155 
LYS CA  HA   sing N N 156 
LYS C   O    doub N N 157 
LYS C   OXT  sing N N 158 
LYS CB  CG   sing N N 159 
LYS CB  HB2  sing N N 160 
LYS CB  HB3  sing N N 161 
LYS CG  CD   sing N N 162 
LYS CG  HG2  sing N N 163 
LYS CG  HG3  sing N N 164 
LYS CD  CE   sing N N 165 
LYS CD  HD2  sing N N 166 
LYS CD  HD3  sing N N 167 
LYS CE  NZ   sing N N 168 
LYS CE  HE2  sing N N 169 
LYS CE  HE3  sing N N 170 
LYS NZ  HZ1  sing N N 171 
LYS NZ  HZ2  sing N N 172 
LYS NZ  HZ3  sing N N 173 
LYS OXT HXT  sing N N 174 
MET N   CA   sing N N 175 
MET N   H    sing N N 176 
MET N   H2   sing N N 177 
MET CA  C    sing N N 178 
MET CA  CB   sing N N 179 
MET CA  HA   sing N N 180 
MET C   O    doub N N 181 
MET C   OXT  sing N N 182 
MET CB  CG   sing N N 183 
MET CB  HB2  sing N N 184 
MET CB  HB3  sing N N 185 
MET CG  SD   sing N N 186 
MET CG  HG2  sing N N 187 
MET CG  HG3  sing N N 188 
MET SD  CE   sing N N 189 
MET CE  HE1  sing N N 190 
MET CE  HE2  sing N N 191 
MET CE  HE3  sing N N 192 
MET OXT HXT  sing N N 193 
PRO N   CA   sing N N 194 
PRO N   CD   sing N N 195 
PRO N   H    sing N N 196 
PRO CA  C    sing N N 197 
PRO CA  CB   sing N N 198 
PRO CA  HA   sing N N 199 
PRO C   O    doub N N 200 
PRO C   OXT  sing N N 201 
PRO CB  CG   sing N N 202 
PRO CB  HB2  sing N N 203 
PRO CB  HB3  sing N N 204 
PRO CG  CD   sing N N 205 
PRO CG  HG2  sing N N 206 
PRO CG  HG3  sing N N 207 
PRO CD  HD2  sing N N 208 
PRO CD  HD3  sing N N 209 
PRO OXT HXT  sing N N 210 
SER N   CA   sing N N 211 
SER N   H    sing N N 212 
SER N   H2   sing N N 213 
SER CA  C    sing N N 214 
SER CA  CB   sing N N 215 
SER CA  HA   sing N N 216 
SER C   O    doub N N 217 
SER C   OXT  sing N N 218 
SER CB  OG   sing N N 219 
SER CB  HB2  sing N N 220 
SER CB  HB3  sing N N 221 
SER OG  HG   sing N N 222 
SER OXT HXT  sing N N 223 
THR N   CA   sing N N 224 
THR N   H    sing N N 225 
THR N   H2   sing N N 226 
THR CA  C    sing N N 227 
THR CA  CB   sing N N 228 
THR CA  HA   sing N N 229 
THR C   O    doub N N 230 
THR C   OXT  sing N N 231 
THR CB  OG1  sing N N 232 
THR CB  CG2  sing N N 233 
THR CB  HB   sing N N 234 
THR OG1 HG1  sing N N 235 
THR CG2 HG21 sing N N 236 
THR CG2 HG22 sing N N 237 
THR CG2 HG23 sing N N 238 
THR OXT HXT  sing N N 239 
TYR N   CA   sing N N 240 
TYR N   H    sing N N 241 
TYR N   H2   sing N N 242 
TYR CA  C    sing N N 243 
TYR CA  CB   sing N N 244 
TYR CA  HA   sing N N 245 
TYR C   O    doub N N 246 
TYR C   OXT  sing N N 247 
TYR CB  CG   sing N N 248 
TYR CB  HB2  sing N N 249 
TYR CB  HB3  sing N N 250 
TYR CG  CD1  doub Y N 251 
TYR CG  CD2  sing Y N 252 
TYR CD1 CE1  sing Y N 253 
TYR CD1 HD1  sing N N 254 
TYR CD2 CE2  doub Y N 255 
TYR CD2 HD2  sing N N 256 
TYR CE1 CZ   doub Y N 257 
TYR CE1 HE1  sing N N 258 
TYR CE2 CZ   sing Y N 259 
TYR CE2 HE2  sing N N 260 
TYR CZ  OH   sing N N 261 
TYR OH  HH   sing N N 262 
TYR OXT HXT  sing N N 263 
VAL N   CA   sing N N 264 
VAL N   H    sing N N 265 
VAL N   H2   sing N N 266 
VAL CA  C    sing N N 267 
VAL CA  CB   sing N N 268 
VAL CA  HA   sing N N 269 
VAL C   O    doub N N 270 
VAL C   OXT  sing N N 271 
VAL CB  CG1  sing N N 272 
VAL CB  CG2  sing N N 273 
VAL CB  HB   sing N N 274 
VAL CG1 HG11 sing N N 275 
VAL CG1 HG12 sing N N 276 
VAL CG1 HG13 sing N N 277 
VAL CG2 HG21 sing N N 278 
VAL CG2 HG22 sing N N 279 
VAL CG2 HG23 sing N N 280 
VAL OXT HXT  sing N N 281 
# 
_atom_sites.entry_id                    3ZY1 
_atom_sites.fract_transf_matrix[1][1]   -0.01534786 
_atom_sites.fract_transf_matrix[1][2]   -0.00379085 
_atom_sites.fract_transf_matrix[1][3]   0.00673261 
_atom_sites.fract_transf_matrix[2][1]   0.00685635 
_atom_sites.fract_transf_matrix[2][2]   -0.01358504 
_atom_sites.fract_transf_matrix[2][3]   0.00798078 
_atom_sites.fract_transf_matrix[3][1]   0.00527122 
_atom_sites.fract_transf_matrix[3][2]   0.01452382 
_atom_sites.fract_transf_matrix[3][3]   0.02019419 
_atom_sites.fract_transf_vector[1]      0.017873 
_atom_sites.fract_transf_vector[2]      0.360608 
_atom_sites.fract_transf_vector[3]      -0.399744 
# 
loop_
_atom_type.symbol 
C 
N 
O 
S 
# 
loop_
_atom_site.group_PDB 
_atom_site.id 
_atom_site.type_symbol 
_atom_site.label_atom_id 
_atom_site.label_alt_id 
_atom_site.label_comp_id 
_atom_site.label_asym_id 
_atom_site.label_entity_id 
_atom_site.label_seq_id 
_atom_site.pdbx_PDB_ins_code 
_atom_site.Cartn_x 
_atom_site.Cartn_y 
_atom_site.Cartn_z 
_atom_site.occupancy 
_atom_site.B_iso_or_equiv 
_atom_site.pdbx_formal_charge 
_atom_site.auth_seq_id 
_atom_site.auth_comp_id 
_atom_site.auth_asym_id 
_atom_site.auth_atom_id 
_atom_site.pdbx_PDB_model_num 
ATOM 1   N N   . ASP A 1 3  ? -9.834  4.338  12.853  1.00 143.44 ? 359 ASP A N   1 
ATOM 2   C CA  . ASP A 1 3  ? -9.026  3.342  12.095  1.00 133.25 ? 359 ASP A CA  1 
ATOM 3   C C   . ASP A 1 3  ? -7.527  3.380  12.453  1.00 129.28 ? 359 ASP A C   1 
ATOM 4   O O   . ASP A 1 3  ? -6.753  4.159  11.877  1.00 123.93 ? 359 ASP A O   1 
ATOM 5   C CB  . ASP A 1 3  ? -9.236  3.535  10.600  1.00 127.12 ? 359 ASP A CB  1 
ATOM 6   C CG  . ASP A 1 3  ? -8.828  2.329  9.816   1.00 122.16 ? 359 ASP A CG  1 
ATOM 7   O OD1 . ASP A 1 3  ? -9.060  1.206  10.323  1.00 123.91 ? 359 ASP A OD1 1 
ATOM 8   O OD2 . ASP A 1 3  ? -8.275  2.504  8.708   1.00 116.87 ? 359 ASP A OD2 1 
ATOM 9   N N   . GLU A 1 4  ? -7.146  2.492  13.375  1.00 130.57 ? 360 GLU A N   1 
ATOM 10  C CA  . GLU A 1 4  ? -5.875  2.517  14.134  1.00 127.82 ? 360 GLU A CA  1 
ATOM 11  C C   . GLU A 1 4  ? -4.588  2.906  13.411  1.00 115.57 ? 360 GLU A C   1 
ATOM 12  O O   . GLU A 1 4  ? -4.407  2.558  12.252  1.00 113.46 ? 360 GLU A O   1 
ATOM 13  C CB  . GLU A 1 4  ? -5.653  1.156  14.778  1.00 131.95 ? 360 GLU A CB  1 
ATOM 14  C CG  . GLU A 1 4  ? -6.354  0.976  16.097  1.00 149.51 ? 360 GLU A CG  1 
ATOM 15  C CD  . GLU A 1 4  ? -6.336  -0.467 16.547  1.00 158.50 ? 360 GLU A CD  1 
ATOM 16  O OE1 . GLU A 1 4  ? -6.873  -1.319 15.804  1.00 161.29 ? 360 GLU A OE1 1 
ATOM 17  O OE2 . GLU A 1 4  ? -5.790  -0.747 17.639  1.00 166.04 ? 360 GLU A OE2 1 
ATOM 18  N N   . LEU A 1 5  ? -3.699  3.627  14.106  1.00 113.39 ? 361 LEU A N   1 
ATOM 19  C CA  . LEU A 1 5  ? -2.315  3.802  13.634  1.00 107.36 ? 361 LEU A CA  1 
ATOM 20  C C   . LEU A 1 5  ? -1.376  2.869  14.406  1.00 108.77 ? 361 LEU A C   1 
ATOM 21  O O   . LEU A 1 5  ? -1.108  3.064  15.603  1.00 113.56 ? 361 LEU A O   1 
ATOM 22  C CB  . LEU A 1 5  ? -1.821  5.262  13.678  1.00 105.35 ? 361 LEU A CB  1 
ATOM 23  C CG  . LEU A 1 5  ? -0.411  5.485  13.085  1.00 99.58  ? 361 LEU A CG  1 
ATOM 24  C CD1 . LEU A 1 5  ? -0.337  5.168  11.604  1.00 93.39  ? 361 LEU A CD1 1 
ATOM 25  C CD2 . LEU A 1 5  ? 0.099   6.890  13.320  1.00 102.95 ? 361 LEU A CD2 1 
ATOM 26  N N   . LEU A 1 6  ? -0.889  1.850  13.698  1.00 99.87  ? 362 LEU A N   1 
ATOM 27  C CA  . LEU A 1 6  ? -0.115  0.779  14.302  1.00 92.70  ? 362 LEU A CA  1 
ATOM 28  C C   . LEU A 1 6  ? 1.327   0.856  13.822  1.00 89.81  ? 362 LEU A C   1 
ATOM 29  O O   . LEU A 1 6  ? 1.614   1.505  12.819  1.00 89.20  ? 362 LEU A O   1 
ATOM 30  C CB  . LEU A 1 6  ? -0.760  -0.561 13.955  1.00 89.33  ? 362 LEU A CB  1 
ATOM 31  C CG  . LEU A 1 6  ? -2.231  -0.690 14.365  1.00 91.94  ? 362 LEU A CG  1 
ATOM 32  C CD1 . LEU A 1 6  ? -2.992  -1.580 13.420  1.00 92.42  ? 362 LEU A CD1 1 
ATOM 33  C CD2 . LEU A 1 6  ? -2.376  -1.183 15.792  1.00 99.03  ? 362 LEU A CD2 1 
ATOM 34  N N   . TYR A 1 7  ? 2.236   0.208  14.547  1.00 90.97  ? 363 TYR A N   1 
ATOM 35  C CA  . TYR A 1 7  ? 3.652   0.320  14.243  1.00 85.82  ? 363 TYR A CA  1 
ATOM 36  C C   . TYR A 1 7  ? 4.286   -1.033 14.058  1.00 82.42  ? 363 TYR A C   1 
ATOM 37  O O   . TYR A 1 7  ? 4.210   -1.895 14.937  1.00 86.80  ? 363 TYR A O   1 
ATOM 38  C CB  . TYR A 1 7  ? 4.372   1.126  15.330  1.00 93.82  ? 363 TYR A CB  1 
ATOM 39  C CG  . TYR A 1 7  ? 4.074   2.600  15.224  1.00 96.62  ? 363 TYR A CG  1 
ATOM 40  C CD1 . TYR A 1 7  ? 4.762   3.400  14.309  1.00 96.00  ? 363 TYR A CD1 1 
ATOM 41  C CD2 . TYR A 1 7  ? 3.069   3.191  15.994  1.00 100.25 ? 363 TYR A CD2 1 
ATOM 42  C CE1 . TYR A 1 7  ? 4.477   4.754  14.181  1.00 97.62  ? 363 TYR A CE1 1 
ATOM 43  C CE2 . TYR A 1 7  ? 2.777   4.552  15.874  1.00 101.91 ? 363 TYR A CE2 1 
ATOM 44  C CZ  . TYR A 1 7  ? 3.491   5.323  14.965  1.00 100.89 ? 363 TYR A CZ  1 
ATOM 45  O OH  . TYR A 1 7  ? 3.224   6.666  14.820  1.00 109.29 ? 363 TYR A OH  1 
ATOM 46  N N   . LEU A 1 8  ? 4.899   -1.217 12.896  1.00 76.16  ? 364 LEU A N   1 
ATOM 47  C CA  . LEU A 1 8  ? 5.540   -2.471 12.562  1.00 73.68  ? 364 LEU A CA  1 
ATOM 48  C C   . LEU A 1 8  ? 7.052   -2.273 12.550  1.00 74.91  ? 364 LEU A C   1 
ATOM 49  O O   . LEU A 1 8  ? 7.573   -1.579 11.677  1.00 76.52  ? 364 LEU A O   1 
ATOM 50  C CB  . LEU A 1 8  ? 5.028   -2.996 11.211  1.00 66.94  ? 364 LEU A CB  1 
ATOM 51  C CG  . LEU A 1 8  ? 5.432   -4.417 10.832  1.00 65.01  ? 364 LEU A CG  1 
ATOM 52  C CD1 . LEU A 1 8  ? 4.803   -5.422 11.785  1.00 65.82  ? 364 LEU A CD1 1 
ATOM 53  C CD2 . LEU A 1 8  ? 5.068   -4.727 9.395   1.00 62.28  ? 364 LEU A CD2 1 
ATOM 54  N N   . PRO A 1 9  ? 7.763   -2.886 13.518  1.00 79.18  ? 365 PRO A N   1 
ATOM 55  C CA  . PRO A 1 9  ? 9.222   -2.882 13.525  1.00 80.23  ? 365 PRO A CA  1 
ATOM 56  C C   . PRO A 1 9  ? 9.763   -3.864 12.498  1.00 78.99  ? 365 PRO A C   1 
ATOM 57  O O   . PRO A 1 9  ? 9.293   -5.001 12.418  1.00 75.31  ? 365 PRO A O   1 
ATOM 58  C CB  . PRO A 1 9  ? 9.570   -3.368 14.930  1.00 83.58  ? 365 PRO A CB  1 
ATOM 59  C CG  . PRO A 1 9  ? 8.279   -3.407 15.679  1.00 83.97  ? 365 PRO A CG  1 
ATOM 60  C CD  . PRO A 1 9  ? 7.239   -3.640 14.666  1.00 81.32  ? 365 PRO A CD  1 
ATOM 61  N N   . VAL A 1 10 ? 10.734  -3.411 11.709  1.00 81.03  ? 366 VAL A N   1 
ATOM 62  C CA  . VAL A 1 10 ? 11.341  -4.231 10.661  1.00 78.49  ? 366 VAL A CA  1 
ATOM 63  C C   . VAL A 1 10 ? 12.872  -4.292 10.834  1.00 84.81  ? 366 VAL A C   1 
ATOM 64  O O   . VAL A 1 10 ? 13.550  -3.261 10.822  1.00 86.86  ? 366 VAL A O   1 
ATOM 65  C CB  . VAL A 1 10 ? 10.964  -3.724 9.224   1.00 72.19  ? 366 VAL A CB  1 
ATOM 66  C CG1 . VAL A 1 10 ? 11.270  -4.765 8.181   1.00 67.37  ? 366 VAL A CG1 1 
ATOM 67  C CG2 . VAL A 1 10 ? 9.483   -3.364 9.135   1.00 69.05  ? 366 VAL A CG2 1 
ATOM 68  N N   . ARG A 1 11 ? 13.399  -5.504 11.021  1.00 84.80  ? 367 ARG A N   1 
ATOM 69  C CA  . ARG A 1 11 ? 14.837  -5.758 10.918  1.00 87.39  ? 367 ARG A CA  1 
ATOM 70  C C   . ARG A 1 11 ? 15.221  -6.018 9.448   1.00 84.63  ? 367 ARG A C   1 
ATOM 71  O O   . ARG A 1 11 ? 14.706  -6.936 8.798   1.00 87.52  ? 367 ARG A O   1 
ATOM 72  C CB  . ARG A 1 11 ? 15.271  -6.915 11.838  1.00 87.74  ? 367 ARG A CB  1 
ATOM 73  N N   . GLY A 1 12 ? 16.103  -5.180 8.922   1.00 85.50  ? 368 GLY A N   1 
ATOM 74  C CA  . GLY A 1 12 ? 16.517  -5.286 7.535   1.00 89.04  ? 368 GLY A CA  1 
ATOM 75  C C   . GLY A 1 12 ? 15.957  -4.135 6.744   1.00 91.83  ? 368 GLY A C   1 
ATOM 76  O O   . GLY A 1 12 ? 14.755  -3.871 6.793   1.00 93.27  ? 368 GLY A O   1 
ATOM 77  N N   . ARG A 1 13 ? 16.825  -3.431 6.025   1.00 97.42  ? 369 ARG A N   1 
ATOM 78  C CA  . ARG A 1 13 ? 16.362  -2.344 5.176   1.00 100.71 ? 369 ARG A CA  1 
ATOM 79  C C   . ARG A 1 13 ? 15.687  -2.866 3.904   1.00 96.23  ? 369 ARG A C   1 
ATOM 80  O O   . ARG A 1 13 ? 14.731  -2.251 3.432   1.00 100.11 ? 369 ARG A O   1 
ATOM 81  C CB  . ARG A 1 13 ? 17.484  -1.345 4.860   1.00 110.40 ? 369 ARG A CB  1 
ATOM 82  C CG  . ARG A 1 13 ? 17.025  -0.190 3.966   1.00 117.60 ? 369 ARG A CG  1 
ATOM 83  C CD  . ARG A 1 13 ? 17.876  1.058  4.088   1.00 128.08 ? 369 ARG A CD  1 
ATOM 84  N NE  . ARG A 1 13 ? 17.486  1.888  5.228   1.00 135.29 ? 369 ARG A NE  1 
ATOM 85  C CZ  . ARG A 1 13 ? 16.448  2.723  5.244   1.00 136.57 ? 369 ARG A CZ  1 
ATOM 86  N NH1 . ARG A 1 13 ? 15.660  2.848  4.180   1.00 138.11 ? 369 ARG A NH1 1 
ATOM 87  N NH2 . ARG A 1 13 ? 16.194  3.435  6.335   1.00 137.88 ? 369 ARG A NH2 1 
ATOM 88  N N   . GLU A 1 14 ? 16.173  -3.999 3.374   1.00 94.84  ? 370 GLU A N   1 
ATOM 89  C CA  . GLU A 1 14 ? 15.622  -4.623 2.155   1.00 88.66  ? 370 GLU A CA  1 
ATOM 90  C C   . GLU A 1 14 ? 14.142  -4.995 2.331   1.00 82.48  ? 370 GLU A C   1 
ATOM 91  O O   . GLU A 1 14 ? 13.313  -4.726 1.451   1.00 83.60  ? 370 GLU A O   1 
ATOM 92  C CB  . GLU A 1 14 ? 16.458  -5.845 1.732   1.00 87.39  ? 370 GLU A CB  1 
ATOM 93  N N   . THR A 1 15 ? 13.823  -5.590 3.482   1.00 79.82  ? 371 THR A N   1 
ATOM 94  C CA  . THR A 1 15 ? 12.445  -5.933 3.862   1.00 75.97  ? 371 THR A CA  1 
ATOM 95  C C   . THR A 1 15 ? 11.619  -4.688 4.096   1.00 71.46  ? 371 THR A C   1 
ATOM 96  O O   . THR A 1 15 ? 10.575  -4.529 3.500   1.00 74.94  ? 371 THR A O   1 
ATOM 97  C CB  . THR A 1 15 ? 12.416  -6.771 5.156   1.00 73.21  ? 371 THR A CB  1 
ATOM 98  O OG1 . THR A 1 15 ? 13.385  -7.805 5.046   1.00 74.28  ? 371 THR A OG1 1 
ATOM 99  C CG2 . THR A 1 15 ? 11.037  -7.404 5.400   1.00 72.35  ? 371 THR A CG2 1 
ATOM 100 N N   . TYR A 1 16 ? 12.088  -3.826 4.994   1.00 73.07  ? 372 TYR A N   1 
ATOM 101 C CA  . TYR A 1 16 ? 11.419  -2.573 5.279   1.00 73.83  ? 372 TYR A CA  1 
ATOM 102 C C   . TYR A 1 16 ? 10.989  -1.850 4.001   1.00 71.45  ? 372 TYR A C   1 
ATOM 103 O O   . TYR A 1 16 ? 9.854   -1.366 3.916   1.00 73.21  ? 372 TYR A O   1 
ATOM 104 C CB  . TYR A 1 16 ? 12.309  -1.664 6.141   1.00 76.84  ? 372 TYR A CB  1 
ATOM 105 C CG  . TYR A 1 16 ? 11.813  -0.230 6.207   1.00 76.67  ? 372 TYR A CG  1 
ATOM 106 C CD1 . TYR A 1 16 ? 10.822  0.147  7.124   1.00 73.16  ? 372 TYR A CD1 1 
ATOM 107 C CD2 . TYR A 1 16 ? 12.320  0.747  5.334   1.00 80.25  ? 372 TYR A CD2 1 
ATOM 108 C CE1 . TYR A 1 16 ? 10.352  1.461  7.176   1.00 74.62  ? 372 TYR A CE1 1 
ATOM 109 C CE2 . TYR A 1 16 ? 11.856  2.075  5.377   1.00 79.67  ? 372 TYR A CE2 1 
ATOM 110 C CZ  . TYR A 1 16 ? 10.875  2.421  6.302   1.00 78.33  ? 372 TYR A CZ  1 
ATOM 111 O OH  . TYR A 1 16 ? 10.410  3.720  6.345   1.00 83.91  ? 372 TYR A OH  1 
ATOM 112 N N   . GLU A 1 17 ? 11.889  -1.770 3.024   1.00 72.41  ? 373 GLU A N   1 
ATOM 113 C CA  . GLU A 1 17 ? 11.622  -1.040 1.784   1.00 77.00  ? 373 GLU A CA  1 
ATOM 114 C C   . GLU A 1 17 ? 10.566  -1.739 0.915   1.00 73.90  ? 373 GLU A C   1 
ATOM 115 O O   . GLU A 1 17 ? 9.841   -1.082 0.146   1.00 70.53  ? 373 GLU A O   1 
ATOM 116 C CB  . GLU A 1 17 ? 12.916  -0.793 0.991   1.00 89.42  ? 373 GLU A CB  1 
ATOM 117 C CG  . GLU A 1 17 ? 14.035  -0.081 1.771   1.00 101.13 ? 373 GLU A CG  1 
ATOM 118 C CD  . GLU A 1 17 ? 14.016  1.445  1.657   1.00 114.08 ? 373 GLU A CD  1 
ATOM 119 O OE1 . GLU A 1 17 ? 13.009  2.085  2.033   1.00 118.65 ? 373 GLU A OE1 1 
ATOM 120 O OE2 . GLU A 1 17 ? 15.031  2.015  1.200   1.00 125.49 ? 373 GLU A OE2 1 
ATOM 121 N N   . MET A 1 18 ? 10.483  -3.064 1.064   1.00 73.16  ? 374 MET A N   1 
ATOM 122 C CA  . MET A 1 18 ? 9.480   -3.902 0.400   1.00 65.19  ? 374 MET A CA  1 
ATOM 123 C C   . MET A 1 18 ? 8.109   -3.715 1.037   1.00 62.11  ? 374 MET A C   1 
ATOM 124 O O   . MET A 1 18 ? 7.119   -3.477 0.336   1.00 61.30  ? 374 MET A O   1 
ATOM 125 C CB  . MET A 1 18 ? 9.891   -5.382 0.462   1.00 76.17  ? 374 MET A CB  1 
ATOM 126 C CG  . MET A 1 18 ? 8.880   -6.326 -0.204  1.00 79.39  ? 374 MET A CG  1 
ATOM 127 S SD  . MET A 1 18 ? 8.851   -8.025 0.374   1.00 78.61  ? 374 MET A SD  1 
ATOM 128 C CE  . MET A 1 18 ? 9.902   -8.804 -0.844  1.00 88.40  ? 374 MET A CE  1 
ATOM 129 N N   . LEU A 1 19 ? 8.062   -3.824 2.365   1.00 60.82  ? 375 LEU A N   1 
ATOM 130 C CA  . LEU A 1 19 ? 6.835   -3.631 3.128   1.00 59.58  ? 375 LEU A CA  1 
ATOM 131 C C   . LEU A 1 19 ? 6.317   -2.202 2.969   1.00 61.47  ? 375 LEU A C   1 
ATOM 132 O O   . LEU A 1 19 ? 5.109   -1.974 2.819   1.00 66.72  ? 375 LEU A O   1 
ATOM 133 C CB  . LEU A 1 19 ? 7.058   -4.003 4.601   1.00 57.37  ? 375 LEU A CB  1 
ATOM 134 C CG  . LEU A 1 19 ? 7.308   -5.496 4.926   1.00 54.95  ? 375 LEU A CG  1 
ATOM 135 C CD1 . LEU A 1 19 ? 7.590   -5.686 6.411   1.00 60.72  ? 375 LEU A CD1 1 
ATOM 136 C CD2 . LEU A 1 19 ? 6.187   -6.439 4.506   1.00 54.19  ? 375 LEU A CD2 1 
ATOM 137 N N   . LEU A 1 20 ? 7.240   -1.243 2.976   1.00 64.86  ? 376 LEU A N   1 
ATOM 138 C CA  . LEU A 1 20 ? 6.932   0.151  2.659   1.00 65.87  ? 376 LEU A CA  1 
ATOM 139 C C   . LEU A 1 20 ? 6.259   0.309  1.288   1.00 67.71  ? 376 LEU A C   1 
ATOM 140 O O   . LEU A 1 20 ? 5.179   0.906  1.186   1.00 70.46  ? 376 LEU A O   1 
ATOM 141 C CB  . LEU A 1 20 ? 8.209   0.993  2.728   1.00 67.08  ? 376 LEU A CB  1 
ATOM 142 C CG  . LEU A 1 20 ? 8.080   2.461  2.354   1.00 67.19  ? 376 LEU A CG  1 
ATOM 143 C CD1 . LEU A 1 20 ? 7.154   3.176  3.325   1.00 69.74  ? 376 LEU A CD1 1 
ATOM 144 C CD2 . LEU A 1 20 ? 9.446   3.095  2.335   1.00 67.42  ? 376 LEU A CD2 1 
ATOM 145 N N   . LYS A 1 21 ? 6.921   -0.216 0.254   1.00 68.42  ? 377 LYS A N   1 
ATOM 146 C CA  . LYS A 1 21 ? 6.397   -0.294 -1.113  1.00 71.63  ? 377 LYS A CA  1 
ATOM 147 C C   . LYS A 1 21 ? 4.966   -0.789 -1.130  1.00 63.62  ? 377 LYS A C   1 
ATOM 148 O O   . LYS A 1 21 ? 4.079   -0.114 -1.637  1.00 60.94  ? 377 LYS A O   1 
ATOM 149 C CB  . LYS A 1 21 ? 7.277   -1.221 -1.959  1.00 78.34  ? 377 LYS A CB  1 
ATOM 150 C CG  . LYS A 1 21 ? 7.038   -1.172 -3.463  1.00 84.51  ? 377 LYS A CG  1 
ATOM 151 C CD  . LYS A 1 21 ? 8.110   -1.993 -4.176  1.00 92.13  ? 377 LYS A CD  1 
ATOM 152 C CE  . LYS A 1 21 ? 7.788   -2.210 -5.657  1.00 105.37 ? 377 LYS A CE  1 
ATOM 153 N NZ  . LYS A 1 21 ? 8.657   -3.265 -6.293  1.00 112.29 ? 377 LYS A NZ  1 
ATOM 154 N N   . ILE A 1 22 ? 4.746   -1.959 -0.547  1.00 59.32  ? 378 ILE A N   1 
ATOM 155 C CA  . ILE A 1 22 ? 3.412   -2.552 -0.494  1.00 54.85  ? 378 ILE A CA  1 
ATOM 156 C C   . ILE A 1 22 ? 2.422   -1.643 0.234   1.00 54.66  ? 378 ILE A C   1 
ATOM 157 O O   . ILE A 1 22 ? 1.317   -1.396 -0.261  1.00 61.49  ? 378 ILE A O   1 
ATOM 158 C CB  . ILE A 1 22 ? 3.432   -3.976 0.172   1.00 54.17  ? 378 ILE A CB  1 
ATOM 159 C CG1 . ILE A 1 22 ? 4.307   -4.952 -0.620  1.00 51.27  ? 378 ILE A CG1 1 
ATOM 160 C CG2 . ILE A 1 22 ? 2.004   -4.534 0.315   1.00 51.57  ? 378 ILE A CG2 1 
ATOM 161 C CD1 . ILE A 1 22 ? 4.585   -6.274 0.142   1.00 53.51  ? 378 ILE A CD1 1 
ATOM 162 N N   . LYS A 1 23 ? 2.820   -1.136 1.404   1.00 54.95  ? 379 LYS A N   1 
ATOM 163 C CA  . LYS A 1 23 ? 1.968   -0.273 2.223   1.00 55.21  ? 379 LYS A CA  1 
ATOM 164 C C   . LYS A 1 23 ? 1.475   0.963  1.462   1.00 57.89  ? 379 LYS A C   1 
ATOM 165 O O   . LYS A 1 23 ? 0.281   1.331  1.517   1.00 61.00  ? 379 LYS A O   1 
ATOM 166 C CB  . LYS A 1 23 ? 2.738   0.176  3.479   1.00 62.43  ? 379 LYS A CB  1 
ATOM 167 C CG  . LYS A 1 23 ? 1.857   0.894  4.493   1.00 66.91  ? 379 LYS A CG  1 
ATOM 168 C CD  . LYS A 1 23 ? 2.619   1.909  5.332   1.00 77.17  ? 379 LYS A CD  1 
ATOM 169 C CE  . LYS A 1 23 ? 2.717   3.262  4.675   1.00 77.12  ? 379 LYS A CE  1 
ATOM 170 N NZ  . LYS A 1 23 ? 3.114   4.282  5.674   1.00 87.67  ? 379 LYS A NZ  1 
ATOM 171 N N   . GLU A 1 24 ? 2.413   1.604  0.771   1.00 57.31  ? 380 GLU A N   1 
ATOM 172 C CA  . GLU A 1 24 ? 2.162   2.842  0.035   1.00 59.63  ? 380 GLU A CA  1 
ATOM 173 C C   . GLU A 1 24 ? 1.231   2.612  -1.104  1.00 54.01  ? 380 GLU A C   1 
ATOM 174 O O   . GLU A 1 24 ? 0.285   3.357  -1.294  1.00 59.85  ? 380 GLU A O   1 
ATOM 175 C CB  . GLU A 1 24 ? 3.455   3.373  -0.561  1.00 65.91  ? 380 GLU A CB  1 
ATOM 176 C CG  . GLU A 1 24 ? 4.399   3.915  0.458   1.00 78.62  ? 380 GLU A CG  1 
ATOM 177 C CD  . GLU A 1 24 ? 5.397   4.857  -0.150  1.00 87.79  ? 380 GLU A CD  1 
ATOM 178 O OE1 . GLU A 1 24 ? 5.786   4.625  -1.328  1.00 90.68  ? 380 GLU A OE1 1 
ATOM 179 O OE2 . GLU A 1 24 ? 5.777   5.819  0.564   1.00 90.62  ? 380 GLU A OE2 1 
ATOM 180 N N   . SER A 1 25 ? 1.536   1.604  -1.901  1.00 51.32  ? 381 SER A N   1 
ATOM 181 C CA  . SER A 1 25 ? 0.745   1.316  -3.057  1.00 51.90  ? 381 SER A CA  1 
ATOM 182 C C   . SER A 1 25 ? -0.682  0.946  -2.630  1.00 53.33  ? 381 SER A C   1 
ATOM 183 O O   . SER A 1 25 ? -1.650  1.240  -3.338  1.00 55.84  ? 381 SER A O   1 
ATOM 184 C CB  . SER A 1 25 ? 1.419   0.221  -3.867  1.00 51.75  ? 381 SER A CB  1 
ATOM 185 O OG  . SER A 1 25 ? 1.355   -1.014 -3.179  1.00 64.01  ? 381 SER A OG  1 
ATOM 186 N N   . LEU A 1 26 ? -0.824  0.337  -1.454  1.00 54.45  ? 382 LEU A N   1 
ATOM 187 C CA  . LEU A 1 26 ? -2.171  0.006  -0.936  1.00 54.37  ? 382 LEU A CA  1 
ATOM 188 C C   . LEU A 1 26 ? -2.893  1.261  -0.488  1.00 56.08  ? 382 LEU A C   1 
ATOM 189 O O   . LEU A 1 26 ? -4.053  1.448  -0.809  1.00 60.07  ? 382 LEU A O   1 
ATOM 190 C CB  . LEU A 1 26 ? -2.113  -0.998 0.215   1.00 51.64  ? 382 LEU A CB  1 
ATOM 191 C CG  . LEU A 1 26 ? -1.720  -2.446 -0.084  1.00 54.08  ? 382 LEU A CG  1 
ATOM 192 C CD1 . LEU A 1 26 ? -1.572  -3.221 1.239   1.00 54.86  ? 382 LEU A CD1 1 
ATOM 193 C CD2 . LEU A 1 26 ? -2.734  -3.109 -0.981  1.00 54.82  ? 382 LEU A CD2 1 
ATOM 194 N N   . GLU A 1 27 ? -2.192  2.134  0.232   1.00 63.82  ? 383 GLU A N   1 
ATOM 195 C CA  . GLU A 1 27 ? -2.749  3.423  0.652   1.00 65.87  ? 383 GLU A CA  1 
ATOM 196 C C   . GLU A 1 27 ? -3.011  4.370  -0.506  1.00 63.88  ? 383 GLU A C   1 
ATOM 197 O O   . GLU A 1 27 ? -4.034  5.048  -0.521  1.00 68.40  ? 383 GLU A O   1 
ATOM 198 C CB  . GLU A 1 27 ? -1.867  4.067  1.724   1.00 73.59  ? 383 GLU A CB  1 
ATOM 199 C CG  . GLU A 1 27 ? -1.779  3.192  2.979   1.00 85.09  ? 383 GLU A CG  1 
ATOM 200 C CD  . GLU A 1 27 ? -0.950  3.780  4.117   1.00 96.26  ? 383 GLU A CD  1 
ATOM 201 O OE1 . GLU A 1 27 ? -0.680  5.002  4.104   1.00 97.92  ? 383 GLU A OE1 1 
ATOM 202 O OE2 . GLU A 1 27 ? -0.585  3.004  5.040   1.00 99.64  ? 383 GLU A OE2 1 
ATOM 203 N N   . LEU A 1 28 ? -2.123  4.376  -1.500  1.00 61.39  ? 384 LEU A N   1 
ATOM 204 C CA  . LEU A 1 28 ? -2.238  5.280  -2.658  1.00 58.05  ? 384 LEU A CA  1 
ATOM 205 C C   . LEU A 1 28 ? -3.365  4.931  -3.604  1.00 60.85  ? 384 LEU A C   1 
ATOM 206 O O   . LEU A 1 28 ? -3.692  5.690  -4.505  1.00 69.38  ? 384 LEU A O   1 
ATOM 207 C CB  . LEU A 1 28 ? -0.922  5.358  -3.439  1.00 57.86  ? 384 LEU A CB  1 
ATOM 208 C CG  . LEU A 1 28 ? 0.142   6.355  -2.960  1.00 58.01  ? 384 LEU A CG  1 
ATOM 209 C CD1 . LEU A 1 28 ? 1.492   5.987  -3.496  1.00 59.81  ? 384 LEU A CD1 1 
ATOM 210 C CD2 . LEU A 1 28 ? -0.208  7.778  -3.335  1.00 60.62  ? 384 LEU A CD2 1 
ATOM 211 N N   . MET A 1 29 ? -3.992  3.796  -3.394  1.00 66.28  ? 385 MET A N   1 
ATOM 212 C CA  . MET A 1 29 ? -5.098  3.406  -4.250  1.00 71.13  ? 385 MET A CA  1 
ATOM 213 C C   . MET A 1 29 ? -6.404  4.156  -3.995  1.00 71.11  ? 385 MET A C   1 
ATOM 214 O O   . MET A 1 29 ? -7.257  4.208  -4.878  1.00 79.62  ? 385 MET A O   1 
ATOM 215 C CB  . MET A 1 29 ? -5.327  1.910  -4.158  1.00 75.04  ? 385 MET A CB  1 
ATOM 216 C CG  . MET A 1 29 ? -4.555  1.139  -5.169  1.00 69.35  ? 385 MET A CG  1 
ATOM 217 S SD  . MET A 1 29 ? -5.565  -0.303 -5.267  1.00 102.37 ? 385 MET A SD  1 
ATOM 218 C CE  . MET A 1 29 ? -5.444  -1.000 -3.618  1.00 83.73  ? 385 MET A CE  1 
ATOM 219 N N   . GLN A 1 30 ? -6.562  4.737  -2.808  1.00 72.61  ? 386 GLN A N   1 
ATOM 220 C CA  . GLN A 1 30 ? -7.738  5.564  -2.522  1.00 80.41  ? 386 GLN A CA  1 
ATOM 221 C C   . GLN A 1 30 ? -7.780  6.904  -3.303  1.00 80.18  ? 386 GLN A C   1 
ATOM 222 O O   . GLN A 1 30 ? -8.782  7.631  -3.277  1.00 81.23  ? 386 GLN A O   1 
ATOM 223 C CB  . GLN A 1 30 ? -7.920  5.764  -1.006  1.00 95.74  ? 386 GLN A CB  1 
ATOM 224 C CG  . GLN A 1 30 ? -6.847  6.596  -0.319  1.00 100.77 ? 386 GLN A CG  1 
ATOM 225 C CD  . GLN A 1 30 ? -7.376  7.373  0.880   1.00 118.50 ? 386 GLN A CD  1 
ATOM 226 O OE1 . GLN A 1 30 ? -8.590  7.385  1.171   1.00 123.22 ? 386 GLN A OE1 1 
ATOM 227 N NE2 . GLN A 1 30 ? -6.461  8.037  1.585   1.00 124.37 ? 386 GLN A NE2 1 
ATOM 228 N N   . TYR A 1 31 ? -6.700  7.199  -4.022  1.00 73.28  ? 387 TYR A N   1 
ATOM 229 C CA  . TYR A 1 31 ? -6.605  8.391  -4.851  1.00 70.20  ? 387 TYR A CA  1 
ATOM 230 C C   . TYR A 1 31 ? -7.142  8.105  -6.243  1.00 69.27  ? 387 TYR A C   1 
ATOM 231 O O   . TYR A 1 31 ? -7.363  9.027  -7.030  1.00 72.38  ? 387 TYR A O   1 
ATOM 232 C CB  . TYR A 1 31 ? -5.156  8.890  -4.912  1.00 71.63  ? 387 TYR A CB  1 
ATOM 233 C CG  . TYR A 1 31 ? -4.615  9.384  -3.578  1.00 77.57  ? 387 TYR A CG  1 
ATOM 234 C CD1 . TYR A 1 31 ? -4.116  8.493  -2.626  1.00 75.95  ? 387 TYR A CD1 1 
ATOM 235 C CD2 . TYR A 1 31 ? -4.610  10.746 -3.263  1.00 84.23  ? 387 TYR A CD2 1 
ATOM 236 C CE1 . TYR A 1 31 ? -3.622  8.945  -1.395  1.00 83.12  ? 387 TYR A CE1 1 
ATOM 237 C CE2 . TYR A 1 31 ? -4.124  11.209 -2.032  1.00 86.98  ? 387 TYR A CE2 1 
ATOM 238 C CZ  . TYR A 1 31 ? -3.628  10.304 -1.107  1.00 86.83  ? 387 TYR A CZ  1 
ATOM 239 O OH  . TYR A 1 31 ? -3.149  10.758 0.104   1.00 91.73  ? 387 TYR A OH  1 
ATOM 240 N N   . LEU A 1 32 ? -7.368  6.830  -6.537  1.00 64.69  ? 388 LEU A N   1 
ATOM 241 C CA  . LEU A 1 32 ? -8.013  6.419  -7.789  1.00 65.92  ? 388 LEU A CA  1 
ATOM 242 C C   . LEU A 1 32 ? -9.529  6.243  -7.616  1.00 63.10  ? 388 LEU A C   1 
ATOM 243 O O   . LEU A 1 32 ? -9.985  5.793  -6.547  1.00 66.36  ? 388 LEU A O   1 
ATOM 244 C CB  . LEU A 1 32 ? -7.417  5.104  -8.301  1.00 65.18  ? 388 LEU A CB  1 
ATOM 245 C CG  . LEU A 1 32 ? -5.953  5.089  -8.709  1.00 62.81  ? 388 LEU A CG  1 
ATOM 246 C CD1 . LEU A 1 32 ? -5.638  3.681  -8.987  1.00 60.71  ? 388 LEU A CD1 1 
ATOM 247 C CD2 . LEU A 1 32 ? -5.744  5.946  -9.940  1.00 63.41  ? 388 LEU A CD2 1 
ATOM 248 N N   . PRO A 1 33 ? -10.310 6.593  -8.661  1.00 63.75  ? 389 PRO A N   1 
ATOM 249 C CA  . PRO A 1 33 ? -11.763 6.341  -8.695  1.00 68.50  ? 389 PRO A CA  1 
ATOM 250 C C   . PRO A 1 33 ? -12.046 4.851  -8.607  1.00 73.73  ? 389 PRO A C   1 
ATOM 251 O O   . PRO A 1 33 ? -11.243 4.039  -9.100  1.00 76.31  ? 389 PRO A O   1 
ATOM 252 C CB  . PRO A 1 33 ? -12.180 6.869  -10.062 1.00 64.40  ? 389 PRO A CB  1 
ATOM 253 C CG  . PRO A 1 33 ? -11.168 7.873  -10.406 1.00 61.94  ? 389 PRO A CG  1 
ATOM 254 C CD  . PRO A 1 33 ? -9.876  7.339  -9.851  1.00 62.54  ? 389 PRO A CD  1 
ATOM 255 N N   . GLN A 1 34 ? -13.156 4.486  -7.971  1.00 76.38  ? 390 GLN A N   1 
ATOM 256 C CA  . GLN A 1 34 ? -13.499 3.087  -7.857  1.00 79.10  ? 390 GLN A CA  1 
ATOM 257 C C   . GLN A 1 34 ? -13.654 2.498  -9.260  1.00 79.84  ? 390 GLN A C   1 
ATOM 258 O O   . GLN A 1 34 ? -13.312 1.331  -9.496  1.00 79.97  ? 390 GLN A O   1 
ATOM 259 C CB  . GLN A 1 34 ? -14.769 2.907  -7.017  1.00 93.87  ? 390 GLN A CB  1 
ATOM 260 C CG  . GLN A 1 34 ? -15.147 1.429  -6.732  1.00 105.84 ? 390 GLN A CG  1 
ATOM 261 C CD  . GLN A 1 34 ? -14.036 0.628  -6.018  1.00 104.06 ? 390 GLN A CD  1 
ATOM 262 O OE1 . GLN A 1 34 ? -13.534 1.028  -4.965  1.00 103.07 ? 390 GLN A OE1 1 
ATOM 263 N NE2 . GLN A 1 34 ? -13.669 -0.511 -6.592  1.00 104.92 ? 390 GLN A NE2 1 
ATOM 264 N N   . HIS A 1 35 ? -14.138 3.335  -10.181 1.00 80.24  ? 391 HIS A N   1 
ATOM 265 C CA  . HIS A 1 35 ? -14.331 2.994  -11.594 1.00 81.53  ? 391 HIS A CA  1 
ATOM 266 C C   . HIS A 1 35 ? -13.054 2.675  -12.341 1.00 78.44  ? 391 HIS A C   1 
ATOM 267 O O   . HIS A 1 35 ? -13.032 1.799  -13.190 1.00 80.10  ? 391 HIS A O   1 
ATOM 268 C CB  . HIS A 1 35 ? -15.094 4.107  -12.300 1.00 89.63  ? 391 HIS A CB  1 
ATOM 269 C CG  . HIS A 1 35 ? -15.155 3.938  -13.789 1.00 101.75 ? 391 HIS A CG  1 
ATOM 270 N ND1 . HIS A 1 35 ? -16.125 3.226  -14.398 1.00 107.24 ? 391 HIS A ND1 1 
ATOM 271 C CD2 . HIS A 1 35 ? -14.301 4.389  -14.796 1.00 110.29 ? 391 HIS A CD2 1 
ATOM 272 C CE1 . HIS A 1 35 ? -15.912 3.227  -15.727 1.00 115.14 ? 391 HIS A CE1 1 
ATOM 273 N NE2 . HIS A 1 35 ? -14.794 3.939  -15.971 1.00 119.57 ? 391 HIS A NE2 1 
ATOM 274 N N   . THR A 1 36 ? -11.983 3.388  -12.042 1.00 76.59  ? 392 THR A N   1 
ATOM 275 C CA  . THR A 1 36 ? -10.679 3.135  -12.648 1.00 73.67  ? 392 THR A CA  1 
ATOM 276 C C   . THR A 1 36 ? -10.140 1.777  -12.222 1.00 72.75  ? 392 THR A C   1 
ATOM 277 O O   . THR A 1 36 ? -9.654  0.999  -13.048 1.00 72.40  ? 392 THR A O   1 
ATOM 278 C CB  . THR A 1 36 ? -9.707  4.210  -12.191 1.00 70.23  ? 392 THR A CB  1 
ATOM 279 O OG1 . THR A 1 36 ? -10.263 5.468  -12.541 1.00 75.44  ? 392 THR A OG1 1 
ATOM 280 C CG2 . THR A 1 36 ? -8.335  4.058  -12.835 1.00 66.42  ? 392 THR A CG2 1 
ATOM 281 N N   . ILE A 1 37 ? -10.222 1.525  -10.919 1.00 71.75  ? 393 ILE A N   1 
ATOM 282 C CA  . ILE A 1 37 ? -9.786  0.280  -10.320 1.00 73.73  ? 393 ILE A CA  1 
ATOM 283 C C   . ILE A 1 37 ? -10.609 -0.867 -10.911 1.00 82.11  ? 393 ILE A C   1 
ATOM 284 O O   . ILE A 1 37 ? -10.080 -1.948 -11.164 1.00 92.50  ? 393 ILE A O   1 
ATOM 285 C CB  . ILE A 1 37 ? -9.892  0.350  -8.773  1.00 70.65  ? 393 ILE A CB  1 
ATOM 286 C CG1 . ILE A 1 37 ? -9.069  1.534  -8.236  1.00 67.44  ? 393 ILE A CG1 1 
ATOM 287 C CG2 . ILE A 1 37 ? -9.450  -0.958 -8.125  1.00 70.51  ? 393 ILE A CG2 1 
ATOM 288 C CD1 . ILE A 1 37 ? -9.134  1.728  -6.719  1.00 63.56  ? 393 ILE A CD1 1 
ATOM 289 N N   . GLU A 1 38 ? -11.889 -0.612 -11.166 1.00 84.35  ? 394 GLU A N   1 
ATOM 290 C CA  . GLU A 1 38 ? -12.769 -1.599 -11.789 1.00 93.28  ? 394 GLU A CA  1 
ATOM 291 C C   . GLU A 1 38 ? -12.507 -1.820 -13.286 1.00 91.77  ? 394 GLU A C   1 
ATOM 292 O O   . GLU A 1 38 ? -12.545 -2.952 -13.762 1.00 90.07  ? 394 GLU A O   1 
ATOM 293 C CB  . GLU A 1 38 ? -14.245 -1.247 -11.553 1.00 104.17 ? 394 GLU A CB  1 
ATOM 294 C CG  . GLU A 1 38 ? -14.708 -1.303 -10.095 1.00 113.10 ? 394 GLU A CG  1 
ATOM 295 C CD  . GLU A 1 38 ? -14.342 -2.608 -9.378  1.00 127.29 ? 394 GLU A CD  1 
ATOM 296 O OE1 . GLU A 1 38 ? -13.800 -3.548 -10.009 1.00 125.63 ? 394 GLU A OE1 1 
ATOM 297 O OE2 . GLU A 1 38 ? -14.599 -2.691 -8.158  1.00 142.62 ? 394 GLU A OE2 1 
ATOM 298 N N   . THR A 1 39 ? -12.258 -0.736 -14.018 1.00 88.55  ? 395 THR A N   1 
ATOM 299 C CA  . THR A 1 39 ? -11.912 -0.802 -15.441 1.00 91.93  ? 395 THR A CA  1 
ATOM 300 C C   . THR A 1 39 ? -10.536 -1.444 -15.649 1.00 95.46  ? 395 THR A C   1 
ATOM 301 O O   . THR A 1 39 ? -10.282 -2.069 -16.690 1.00 99.04  ? 395 THR A O   1 
ATOM 302 C CB  . THR A 1 39 ? -11.962 0.607  -16.099 1.00 94.39  ? 395 THR A CB  1 
ATOM 303 O OG1 . THR A 1 39 ? -13.323 1.052  -16.178 1.00 98.65  ? 395 THR A OG1 1 
ATOM 304 C CG2 . THR A 1 39 ? -11.363 0.603  -17.500 1.00 96.85  ? 395 THR A CG2 1 
ATOM 305 N N   . TYR A 1 40 ? -9.654  -1.281 -14.660 1.00 91.02  ? 396 TYR A N   1 
ATOM 306 C CA  . TYR A 1 40 ? -8.347  -1.932 -14.677 1.00 88.04  ? 396 TYR A CA  1 
ATOM 307 C C   . TYR A 1 40 ? -8.493  -3.452 -14.543 1.00 92.59  ? 396 TYR A C   1 
ATOM 308 O O   . TYR A 1 40 ? -7.736  -4.201 -15.167 1.00 101.90 ? 396 TYR A O   1 
ATOM 309 C CB  . TYR A 1 40 ? -7.409  -1.358 -13.597 1.00 79.00  ? 396 TYR A CB  1 
ATOM 310 C CG  . TYR A 1 40 ? -6.259  -2.278 -13.196 1.00 74.65  ? 396 TYR A CG  1 
ATOM 311 C CD1 . TYR A 1 40 ? -5.022  -2.247 -13.866 1.00 74.75  ? 396 TYR A CD1 1 
ATOM 312 C CD2 . TYR A 1 40 ? -6.413  -3.184 -12.141 1.00 74.42  ? 396 TYR A CD2 1 
ATOM 313 C CE1 . TYR A 1 40 ? -3.968  -3.106 -13.483 1.00 73.82  ? 396 TYR A CE1 1 
ATOM 314 C CE2 . TYR A 1 40 ? -5.380  -4.043 -11.756 1.00 72.00  ? 396 TYR A CE2 1 
ATOM 315 C CZ  . TYR A 1 40 ? -4.169  -4.000 -12.420 1.00 73.46  ? 396 TYR A CZ  1 
ATOM 316 O OH  . TYR A 1 40 ? -3.186  -4.872 -11.997 1.00 75.81  ? 396 TYR A OH  1 
ATOM 317 N N   . ARG A 1 41 ? -9.450  -3.907 -13.739 1.00 90.63  ? 397 ARG A N   1 
ATOM 318 C CA  . ARG A 1 41 ? -9.662  -5.349 -13.555 1.00 100.78 ? 397 ARG A CA  1 
ATOM 319 C C   . ARG A 1 41 ? -10.253 -6.067 -14.807 1.00 117.97 ? 397 ARG A C   1 
ATOM 320 O O   . ARG A 1 41 ? -9.817  -7.178 -15.160 1.00 132.00 ? 397 ARG A O   1 
ATOM 321 C CB  . ARG A 1 41 ? -10.501 -5.606 -12.303 1.00 93.40  ? 397 ARG A CB  1 
ATOM 322 C CG  . ARG A 1 41 ? -9.829  -5.174 -11.046 1.00 84.36  ? 397 ARG A CG  1 
ATOM 323 C CD  . ARG A 1 41 ? -10.782 -5.110 -9.893  1.00 86.86  ? 397 ARG A CD  1 
ATOM 324 N NE  . ARG A 1 41 ? -10.062 -4.901 -8.636  1.00 87.67  ? 397 ARG A NE  1 
ATOM 325 C CZ  . ARG A 1 41 ? -10.612 -4.428 -7.518  1.00 88.47  ? 397 ARG A CZ  1 
ATOM 326 N NH1 . ARG A 1 41 ? -11.899 -4.101 -7.484  1.00 92.26  ? 397 ARG A NH1 1 
ATOM 327 N NH2 . ARG A 1 41 ? -9.873  -4.272 -6.428  1.00 84.29  ? 397 ARG A NH2 1 
ATOM 328 N N   . GLN A 1 42 ? -11.225 -5.425 -15.468 1.00 120.42 ? 398 GLN A N   1 
ATOM 329 C CA  . GLN A 1 42 ? -11.819 -5.924 -16.717 1.00 120.07 ? 398 GLN A CA  1 
ATOM 330 C C   . GLN A 1 42 ? -11.205 -5.234 -17.938 1.00 118.05 ? 398 GLN A C   1 
ATOM 331 O O   . GLN A 1 42 ? -9.982  -5.226 -18.114 1.00 111.67 ? 398 GLN A O   1 
ATOM 332 C CB  . GLN A 1 42 ? -13.336 -5.715 -16.710 1.00 121.27 ? 398 GLN A CB  1 
# 
loop_
_atom_site_anisotrop.id 
_atom_site_anisotrop.type_symbol 
_atom_site_anisotrop.pdbx_label_atom_id 
_atom_site_anisotrop.pdbx_label_alt_id 
_atom_site_anisotrop.pdbx_label_comp_id 
_atom_site_anisotrop.pdbx_label_asym_id 
_atom_site_anisotrop.pdbx_label_seq_id 
_atom_site_anisotrop.pdbx_PDB_ins_code 
_atom_site_anisotrop.U[1][1] 
_atom_site_anisotrop.U[2][2] 
_atom_site_anisotrop.U[3][3] 
_atom_site_anisotrop.U[1][2] 
_atom_site_anisotrop.U[1][3] 
_atom_site_anisotrop.U[2][3] 
_atom_site_anisotrop.pdbx_auth_seq_id 
_atom_site_anisotrop.pdbx_auth_comp_id 
_atom_site_anisotrop.pdbx_auth_asym_id 
_atom_site_anisotrop.pdbx_auth_atom_id 
1   N N   . ASP A 3  ? 1.8639 2.2905 1.2955 0.7476  0.1280  0.0834  359 ASP A N   
2   C CA  . ASP A 3  ? 1.7224 2.0998 1.2403 0.6324  0.1223  0.1041  359 ASP A CA  
3   C C   . ASP A 3  ? 1.7297 1.9830 1.1994 0.6230  0.0715  0.0515  359 ASP A C   
4   O O   . ASP A 3  ? 1.6972 1.8409 1.1706 0.6011  0.0175  -0.0047 359 ASP A O   
5   C CB  . ASP A 3  ? 1.6224 1.9725 1.2350 0.5550  0.1110  0.1022  359 ASP A CB  
6   C CG  . ASP A 3  ? 1.5319 1.8753 1.2342 0.4526  0.1195  0.1394  359 ASP A CG  
7   O OD1 . ASP A 3  ? 1.5240 1.9362 1.2476 0.4367  0.1537  0.1967  359 ASP A OD1 
8   O OD2 . ASP A 3  ? 1.4742 1.7437 1.2225 0.3929  0.0899  0.1134  359 ASP A OD2 
9   N N   . GLU A 4  ? 1.7484 2.0288 1.1835 0.6354  0.0897  0.0789  360 GLU A N   
10  C CA  . GLU A 4  ? 1.7675 1.9571 1.1320 0.6581  0.0460  0.0328  360 GLU A CA  
11  C C   . GLU A 4  ? 1.6440 1.7052 1.0420 0.5988  -0.0160 -0.0226 360 GLU A C   
12  O O   . GLU A 4  ? 1.5907 1.6389 1.0811 0.5132  -0.0129 -0.0066 360 GLU A O   
13  C CB  . GLU A 4  ? 1.8020 2.0428 1.1684 0.6396  0.0813  0.0899  360 GLU A CB  
14  C CG  . GLU A 4  ? 2.0195 2.3606 1.3006 0.7337  0.1224  0.1277  360 GLU A CG  
15  C CD  . GLU A 4  ? 2.1029 2.5078 1.4115 0.6986  0.1644  0.2068  360 GLU A CD  
16  O OE1 . GLU A 4  ? 2.0853 2.5418 1.5009 0.6180  0.1960  0.2711  360 GLU A OE1 
17  O OE2 . GLU A 4  ? 2.2297 2.6268 1.4523 0.7526  0.1599  0.2044  360 GLU A OE2 
18  N N   . LEU A 5  ? 1.6706 1.6431 0.9944 0.6479  -0.0748 -0.0848 361 LEU A N   
19  C CA  . LEU A 5  ? 1.6154 1.4842 0.9795 0.5896  -0.1328 -0.1231 361 LEU A CA  
20  C C   . LEU A 5  ? 1.6451 1.5050 0.9824 0.5870  -0.1373 -0.1175 361 LEU A C   
21  O O   . LEU A 5  ? 1.7448 1.5846 0.9851 0.6638  -0.1618 -0.1463 361 LEU A O   
22  C CB  . LEU A 5  ? 1.6366 1.3983 0.9679 0.6236  -0.2116 -0.1933 361 LEU A CB  
23  C CG  . LEU A 5  ? 1.5702 1.2432 0.9700 0.5524  -0.2705 -0.2178 361 LEU A CG  
24  C CD1 . LEU A 5  ? 1.4456 1.1416 0.9611 0.4556  -0.2435 -0.1800 361 LEU A CD1 
25  C CD2 . LEU A 5  ? 1.6600 1.2212 1.0304 0.5866  -0.3601 -0.2808 361 LEU A CD2 
26  N N   . LEU A 6  ? 1.5015 1.3740 0.9191 0.5048  -0.1164 -0.0824 362 LEU A N   
27  C CA  . LEU A 6  ? 1.4156 1.2887 0.8178 0.4963  -0.1127 -0.0664 362 LEU A CA  
28  C C   . LEU A 6  ? 1.3872 1.1870 0.8381 0.4461  -0.1644 -0.1004 362 LEU A C   
29  O O   . LEU A 6  ? 1.3680 1.1362 0.8847 0.4010  -0.1876 -0.1168 362 LEU A O   
30  C CB  . LEU A 6  ? 1.3315 1.2795 0.7831 0.4509  -0.0513 0.0049  362 LEU A CB  
31  C CG  . LEU A 6  ? 1.3402 1.3838 0.7691 0.4905  0.0035  0.0550  362 LEU A CG  
32  C CD1 . LEU A 6  ? 1.2959 1.3961 0.8194 0.4192  0.0449  0.1160  362 LEU A CD1 
33  C CD2 . LEU A 6  ? 1.4442 1.5337 0.7848 0.5604  0.0251  0.0823  362 LEU A CD2 
34  N N   . TYR A 7  ? 1.4182 1.1992 0.8388 0.4566  -0.1816 -0.1062 363 TYR A N   
35  C CA  . TYR A 7  ? 1.3564 1.0815 0.8229 0.4191  -0.2336 -0.1374 363 TYR A CA  
36  C C   . TYR A 7  ? 1.2950 1.0408 0.7959 0.3787  -0.2123 -0.1062 363 TYR A C   
37  O O   . TYR A 7  ? 1.3633 1.1270 0.8076 0.4101  -0.1932 -0.0851 363 TYR A O   
38  C CB  . TYR A 7  ? 1.5021 1.1641 0.8985 0.4797  -0.3016 -0.1933 363 TYR A CB  
39  C CG  . TYR A 7  ? 1.5582 1.1691 0.9436 0.5053  -0.3478 -0.2356 363 TYR A CG  
40  C CD1 . TYR A 7  ? 1.5358 1.1004 1.0111 0.4482  -0.3947 -0.2524 363 TYR A CD1 
41  C CD2 . TYR A 7  ? 1.6358 1.2493 0.9239 0.5886  -0.3436 -0.2530 363 TYR A CD2 
42  C CE1 . TYR A 7  ? 1.5781 1.0832 1.0477 0.4678  -0.4440 -0.2870 363 TYR A CE1 
43  C CE2 . TYR A 7  ? 1.6818 1.2358 0.9544 0.6182  -0.3934 -0.2964 363 TYR A CE2 
44  C CZ  . TYR A 7  ? 1.6586 1.1506 1.0240 0.5538  -0.4466 -0.3133 363 TYR A CZ  
45  O OH  . TYR A 7  ? 1.7921 1.2126 1.1477 0.5780  -0.5034 -0.3518 363 TYR A OH  
46  N N   . LEU A 8  ? 1.1860 0.9310 0.7763 0.3139  -0.2162 -0.1009 364 LEU A N   
47  C CA  . LEU A 8  ? 1.1387 0.8982 0.7623 0.2804  -0.2020 -0.0779 364 LEU A CA  
48  C C   . LEU A 8  ? 1.1514 0.8851 0.8095 0.2691  -0.2520 -0.1081 364 LEU A C   
49  O O   . LEU A 8  ? 1.1480 0.8819 0.8775 0.2335  -0.2732 -0.1181 364 LEU A O   
50  C CB  . LEU A 8  ? 1.0204 0.8109 0.7119 0.2268  -0.1653 -0.0465 364 LEU A CB  
51  C CG  . LEU A 8  ? 0.9865 0.7841 0.6993 0.2017  -0.1511 -0.0228 364 LEU A CG  
52  C CD1 . LEU A 8  ? 1.0138 0.8160 0.6709 0.2254  -0.1276 0.0114  364 LEU A CD1 
53  C CD2 . LEU A 8  ? 0.9247 0.7416 0.6999 0.1571  -0.1314 -0.0067 364 LEU A CD2 
54  N N   . PRO A 9  ? 1.2254 0.9449 0.8379 0.2996  -0.2712 -0.1166 365 PRO A N   
55  C CA  . PRO A 9  ? 1.2285 0.9375 0.8822 0.2886  -0.3174 -0.1393 365 PRO A CA  
56  C C   . PRO A 9  ? 1.1794 0.9230 0.8988 0.2468  -0.2945 -0.1153 365 PRO A C   
57  O O   . PRO A 9  ? 1.1383 0.8892 0.8336 0.2463  -0.2582 -0.0880 365 PRO A O   
58  C CB  . PRO A 9  ? 1.3075 0.9930 0.8753 0.3437  -0.3377 -0.1520 365 PRO A CB  
59  C CG  . PRO A 9  ? 1.3413 1.0285 0.8205 0.3878  -0.3028 -0.1359 365 PRO A CG  
60  C CD  . PRO A 9  ? 1.2819 1.0031 0.8048 0.3474  -0.2496 -0.0987 365 PRO A CD  
61  N N   . VAL A 10 ? 1.1698 0.9360 0.9729 0.2147  -0.3189 -0.1229 366 VAL A N   
62  C CA  . VAL A 10 ? 1.1033 0.9137 0.9652 0.1876  -0.2995 -0.1041 366 VAL A CA  
63  C C   . VAL A 10 ? 1.1588 0.9952 1.0683 0.1902  -0.3399 -0.1162 366 VAL A C   
64  O O   . VAL A 10 ? 1.1609 1.0089 1.1302 0.1746  -0.3800 -0.1258 366 VAL A O   
65  C CB  . VAL A 10 ? 0.9888 0.8358 0.9181 0.1477  -0.2747 -0.0862 366 VAL A CB  
66  C CG1 . VAL A 10 ? 0.9051 0.7925 0.8618 0.1381  -0.2475 -0.0693 366 VAL A CG1 
67  C CG2 . VAL A 10 ? 0.9689 0.7931 0.8614 0.1457  -0.2460 -0.0784 366 VAL A CG2 
68  N N   . ARG A 11 ? 1.1640 1.0075 1.0505 0.2097  -0.3340 -0.1132 367 ARG A N   
69  C CA  . ARG A 11 ? 1.1630 1.0522 1.1051 0.2135  -0.3623 -0.1184 367 ARG A CA  
70  C C   . ARG A 11 ? 1.0796 1.0410 1.0950 0.1916  -0.3349 -0.0970 367 ARG A C   
71  O O   . ARG A 11 ? 1.1273 1.0847 1.1134 0.1979  -0.3001 -0.0876 367 ARG A O   
72  C CB  . ARG A 11 ? 1.1983 1.0600 1.0752 0.2542  -0.3733 -0.1274 367 ARG A CB  
73  N N   . GLY A 12 ? 1.0360 1.0645 1.1479 0.1679  -0.3542 -0.0869 368 GLY A N   
74  C CA  . GLY A 12 ? 1.0283 1.1444 1.2101 0.1546  -0.3257 -0.0600 368 GLY A CA  
75  C C   . GLY A 12 ? 1.0408 1.1740 1.2741 0.1145  -0.3136 -0.0387 368 GLY A C   
76  O O   . GLY A 12 ? 1.0968 1.1680 1.2787 0.1069  -0.2980 -0.0453 368 GLY A O   
77  N N   . ARG A 13 ? 1.0463 1.2692 1.3858 0.0892  -0.3213 -0.0074 369 ARG A N   
78  C CA  . ARG A 13 ? 1.0629 1.3063 1.4572 0.0502  -0.3101 0.0218  369 ARG A CA  
79  C C   . ARG A 13 ? 1.0043 1.2806 1.3714 0.0597  -0.2537 0.0373  369 ARG A C   
80  O O   . ARG A 13 ? 1.0667 1.3133 1.4237 0.0394  -0.2383 0.0450  369 ARG A O   
81  C CB  . ARG A 13 ? 1.1122 1.4417 1.6405 0.0132  -0.3413 0.0629  369 ARG A CB  
82  C CG  . ARG A 13 ? 1.1775 1.5241 1.7664 -0.0295 -0.3328 0.1018  369 ARG A CG  
83  C CD  . ARG A 13 ? 1.2567 1.6358 1.9737 -0.0785 -0.3880 0.1385  369 ARG A CD  
84  N NE  . ARG A 13 ? 1.3986 1.6527 2.0890 -0.0906 -0.4529 0.0996  369 ARG A NE  
85  C CZ  . ARG A 13 ? 1.4568 1.6221 2.1102 -0.1031 -0.4632 0.0874  369 ARG A CZ  
86  N NH1 . ARG A 13 ? 1.4727 1.6590 2.1157 -0.1116 -0.4117 0.1133  369 ARG A NH1 
87  N NH2 . ARG A 13 ? 1.5213 1.5758 2.1415 -0.0997 -0.5281 0.0460  369 ARG A NH2 
88  N N   . GLU A 14 ? 0.9744 1.3056 1.3233 0.0965  -0.2291 0.0373  370 GLU A N   
89  C CA  . GLU A 14 ? 0.8998 1.2570 1.2117 0.1182  -0.1859 0.0433  370 GLU A CA  
90  C C   . GLU A 14 ? 0.8876 1.1367 1.1093 0.1179  -0.1750 0.0165  370 GLU A C   
91  O O   . GLU A 14 ? 0.9046 1.1537 1.1179 0.1080  -0.1515 0.0267  370 GLU A O   
92  C CB  . GLU A 14 ? 0.8698 1.2876 1.1629 0.1715  -0.1750 0.0365  370 GLU A CB  
93  N N   . THR A 15 ? 0.9024 1.0679 1.0623 0.1287  -0.1929 -0.0119 371 THR A N   
94  C CA  . THR A 15 ? 0.9080 0.9832 0.9954 0.1252  -0.1843 -0.0264 371 THR A CA  
95  C C   . THR A 15 ? 0.8554 0.9035 0.9560 0.0933  -0.1852 -0.0200 371 THR A C   
96  O O   . THR A 15 ? 0.9095 0.9424 0.9954 0.0821  -0.1643 -0.0141 371 THR A O   
97  C CB  . THR A 15 ? 0.9161 0.9237 0.9417 0.1456  -0.2025 -0.0456 371 THR A CB  
98  O OG1 . THR A 15 ? 0.9241 0.9550 0.9431 0.1785  -0.2110 -0.0535 371 THR A OG1 
99  C CG2 . THR A 15 ? 0.9506 0.8860 0.9120 0.1438  -0.1886 -0.0460 371 THR A CG2 
100 N N   . TYR A 16 ? 0.8713 0.9084 0.9963 0.0835  -0.2158 -0.0250 372 TYR A N   
101 C CA  . TYR A 16 ? 0.8899 0.8920 1.0230 0.0624  -0.2283 -0.0253 372 TYR A CA  
102 C C   . TYR A 16 ? 0.8322 0.8710 1.0116 0.0363  -0.2068 0.0001  372 TYR A C   
103 O O   . TYR A 16 ? 0.8759 0.8770 1.0285 0.0295  -0.1962 -0.0019 372 TYR A O   
104 C CB  . TYR A 16 ? 0.9179 0.9104 1.0910 0.0555  -0.2793 -0.0342 372 TYR A CB  
105 C CG  . TYR A 16 ? 0.9206 0.8758 1.1164 0.0341  -0.3045 -0.0341 372 TYR A CG  
106 C CD1 . TYR A 16 ? 0.9268 0.8054 1.0475 0.0558  -0.3157 -0.0616 372 TYR A CD1 
107 C CD2 . TYR A 16 ? 0.9195 0.9188 1.2108 -0.0036 -0.3177 -0.0026 372 TYR A CD2 
108 C CE1 . TYR A 16 ? 0.9557 0.7914 1.0880 0.0460  -0.3447 -0.0675 372 TYR A CE1 
109 C CE2 . TYR A 16 ? 0.9217 0.8719 1.2335 -0.0232 -0.3491 -0.0020 372 TYR A CE2 
110 C CZ  . TYR A 16 ? 0.9617 0.8244 1.1898 0.0046  -0.3652 -0.0396 372 TYR A CZ  
111 O OH  . TYR A 16 ? 1.0475 0.8535 1.2869 -0.0050 -0.4017 -0.0450 372 TYR A OH  
112 N N   . GLU A 17 ? 0.7943 0.9147 1.0422 0.0264  -0.1993 0.0274  373 GLU A N   
113 C CA  . GLU A 17 ? 0.8215 0.9883 1.1158 0.0046  -0.1789 0.0599  373 GLU A CA  
114 C C   . GLU A 17 ? 0.8033 0.9631 1.0415 0.0202  -0.1407 0.0553  373 GLU A C   
115 O O   . GLU A 17 ? 0.7562 0.9198 1.0038 0.0055  -0.1264 0.0712  373 GLU A O   
116 C CB  . GLU A 17 ? 0.9120 1.1882 1.2973 -0.0047 -0.1768 0.1013  373 GLU A CB  
117 C CG  . GLU A 17 ? 1.0284 1.3213 1.4928 -0.0280 -0.2236 0.1130  373 GLU A CG  
118 C CD  . GLU A 17 ? 1.1709 1.4518 1.7120 -0.0743 -0.2553 0.1440  373 GLU A CD  
119 O OE1 . GLU A 17 ? 1.2736 1.4626 1.7718 -0.0816 -0.2701 0.1220  373 GLU A OE1 
120 O OE2 . GLU A 17 ? 1.2506 1.6169 1.9002 -0.1025 -0.2684 0.1942  373 GLU A OE2 
121 N N   . MET A 18 ? 0.8185 0.9610 1.0000 0.0498  -0.1316 0.0331  374 MET A N   
122 C CA  . MET A 18 ? 0.7441 0.8615 0.8714 0.0644  -0.1108 0.0229  374 MET A CA  
123 C C   . MET A 18 ? 0.7421 0.7869 0.8308 0.0505  -0.1107 0.0126  374 MET A C   
124 O O   . MET A 18 ? 0.7355 0.7755 0.8180 0.0419  -0.0964 0.0185  374 MET A O   
125 C CB  . MET A 18 ? 0.9012 1.0079 0.9852 0.0994  -0.1149 0.0032  374 MET A CB  
126 C CG  . MET A 18 ? 0.9729 1.0382 1.0054 0.1129  -0.1093 -0.0097 374 MET A CG  
127 S SD  . MET A 18 ? 1.0071 1.0003 0.9792 0.1402  -0.1318 -0.0340 374 MET A SD  
128 C CE  . MET A 18 ? 1.1169 1.1653 1.0766 0.1941  -0.1354 -0.0479 374 MET A CE  
129 N N   . LEU A 19 ? 0.7502 0.7482 0.8123 0.0535  -0.1259 -0.0005 375 LEU A N   
130 C CA  . LEU A 19 ? 0.7638 0.7116 0.7881 0.0499  -0.1223 -0.0044 375 LEU A CA  
131 C C   . LEU A 19 ? 0.7795 0.7281 0.8279 0.0344  -0.1238 0.0012  375 LEU A C   
132 O O   . LEU A 19 ? 0.8561 0.7910 0.8877 0.0312  -0.1093 0.0052  375 LEU A O   
133 C CB  . LEU A 19 ? 0.7616 0.6720 0.7459 0.0675  -0.1376 -0.0162 375 LEU A CB  
134 C CG  . LEU A 19 ? 0.7488 0.6402 0.6985 0.0839  -0.1383 -0.0176 375 LEU A CG  
135 C CD1 . LEU A 19 ? 0.8463 0.7063 0.7545 0.1044  -0.1535 -0.0246 375 LEU A CD1 
136 C CD2 . LEU A 19 ? 0.7536 0.6229 0.6825 0.0776  -0.1231 -0.0048 375 LEU A CD2 
137 N N   . LEU A 20 ? 0.8019 0.7666 0.8957 0.0241  -0.1456 0.0043  376 LEU A N   
138 C CA  . LEU A 20 ? 0.8059 0.7642 0.9327 0.0066  -0.1568 0.0134  376 LEU A CA  
139 C C   . LEU A 20 ? 0.8128 0.8031 0.9567 -0.0057 -0.1292 0.0343  376 LEU A C   
140 O O   . LEU A 20 ? 0.8610 0.8268 0.9893 -0.0071 -0.1239 0.0335  376 LEU A O   
141 C CB  . LEU A 20 ? 0.7931 0.7693 0.9864 -0.0111 -0.1918 0.0242  376 LEU A CB  
142 C CG  . LEU A 20 ? 0.7834 0.7449 1.0246 -0.0354 -0.2153 0.0409  376 LEU A CG  
143 C CD1 . LEU A 20 ? 0.8605 0.7411 1.0480 -0.0168 -0.2400 0.0101  376 LEU A CD1 
144 C CD2 . LEU A 20 ? 0.7479 0.7387 1.0750 -0.0616 -0.2528 0.0637  376 LEU A CD2 
145 N N   . LYS A 21 ? 0.7931 0.8421 0.9644 -0.0072 -0.1133 0.0516  377 LYS A N   
146 C CA  . LYS A 21 ? 0.8207 0.9059 0.9948 -0.0072 -0.0879 0.0682  377 LYS A CA  
147 C C   . LYS A 21 ? 0.7488 0.7950 0.8733 -0.0001 -0.0758 0.0525  377 LYS A C   
148 O O   . LYS A 21 ? 0.7155 0.7573 0.8425 -0.0077 -0.0691 0.0605  377 LYS A O   
149 C CB  . LYS A 21 ? 0.8831 1.0311 1.0622 0.0124  -0.0741 0.0758  377 LYS A CB  
150 C CG  . LYS A 21 ? 0.9430 1.1437 1.1242 0.0228  -0.0519 0.0955  377 LYS A CG  
151 C CD  . LYS A 21 ? 1.0152 1.2888 1.1965 0.0561  -0.0409 0.1019  377 LYS A CD  
152 C CE  . LYS A 21 ? 1.1757 1.4966 1.3313 0.0853  -0.0209 0.1111  377 LYS A CE  
153 N NZ  . LYS A 21 ? 1.2532 1.6328 1.3805 0.1379  -0.0140 0.1027  377 LYS A NZ  
154 N N   . ILE A 22 ? 0.7161 0.7355 0.8019 0.0128  -0.0759 0.0346  378 ILE A N   
155 C CA  . ILE A 22 ? 0.6798 0.6698 0.7345 0.0133  -0.0684 0.0294  378 ILE A CA  
156 C C   . ILE A 22 ? 0.6861 0.6549 0.7357 0.0076  -0.0663 0.0318  378 ILE A C   
157 O O   . ILE A 22 ? 0.7705 0.7439 0.8216 0.0030  -0.0568 0.0383  378 ILE A O   
158 C CB  . ILE A 22 ? 0.6918 0.6514 0.7148 0.0230  -0.0753 0.0199  378 ILE A CB  
159 C CG1 . ILE A 22 ? 0.6530 0.6253 0.6695 0.0403  -0.0829 0.0105  378 ILE A CG1 
160 C CG2 . ILE A 22 ? 0.6708 0.6071 0.6813 0.0141  -0.0715 0.0279  378 ILE A CG2 
161 C CD1 . ILE A 22 ? 0.7054 0.6360 0.6915 0.0522  -0.0985 0.0007  378 ILE A CD1 
162 N N   . LYS A 23 ? 0.7001 0.6473 0.7401 0.0147  -0.0785 0.0237  379 LYS A N   
163 C CA  . LYS A 23 ? 0.7173 0.6431 0.7373 0.0260  -0.0809 0.0193  379 LYS A CA  
164 C C   . LYS A 23 ? 0.7425 0.6714 0.7856 0.0187  -0.0833 0.0248  379 LYS A C   
165 O O   . LYS A 23 ? 0.7867 0.7155 0.8156 0.0286  -0.0733 0.0267  379 LYS A O   
166 C CB  . LYS A 23 ? 0.8256 0.7209 0.8257 0.0432  -0.1062 0.0020  379 LYS A CB  
167 C CG  . LYS A 23 ? 0.9047 0.7760 0.8615 0.0736  -0.1110 -0.0095 379 LYS A CG  
168 C CD  . LYS A 23 ? 1.0536 0.8805 0.9978 0.0920  -0.1538 -0.0349 379 LYS A CD  
169 C CE  . LYS A 23 ? 1.0481 0.8517 1.0302 0.0778  -0.1810 -0.0369 379 LYS A CE  
170 N NZ  . LYS A 23 ? 1.2105 0.9523 1.1680 0.1047  -0.2338 -0.0673 379 LYS A NZ  
171 N N   . GLU A 24 ? 0.7191 0.6565 0.8020 0.0026  -0.0969 0.0328  380 GLU A N   
172 C CA  . GLU A 24 ? 0.7399 0.6746 0.8511 -0.0079 -0.1052 0.0457  380 GLU A CA  
173 C C   . GLU A 24 ? 0.6589 0.6229 0.7703 -0.0111 -0.0802 0.0587  380 GLU A C   
174 O O   . GLU A 24 ? 0.7384 0.6908 0.8448 -0.0057 -0.0803 0.0601  380 GLU A O   
175 C CB  . GLU A 24 ? 0.7935 0.7495 0.9610 -0.0304 -0.1209 0.0677  380 GLU A CB  
176 C CG  . GLU A 24 ? 0.9602 0.8820 1.1450 -0.0336 -0.1600 0.0574  380 GLU A CG  
177 C CD  . GLU A 24 ? 1.0450 0.9848 1.3058 -0.0644 -0.1845 0.0913  380 GLU A CD  
178 O OE1 . GLU A 24 ? 1.0462 1.0545 1.3446 -0.0781 -0.1582 0.1268  380 GLU A OE1 
179 O OE2 . GLU A 24 ? 1.0916 0.9778 1.3737 -0.0717 -0.2331 0.0840  380 GLU A OE2 
180 N N   . SER A 25 ? 0.6115 0.6117 0.7265 -0.0146 -0.0642 0.0653  381 SER A N   
181 C CA  . SER A 25 ? 0.6120 0.6366 0.7233 -0.0132 -0.0493 0.0728  381 SER A CA  
182 C C   . SER A 25 ? 0.6423 0.6522 0.7317 -0.0074 -0.0437 0.0631  381 SER A C   
183 O O   . SER A 25 ? 0.6691 0.6906 0.7619 -0.0067 -0.0389 0.0690  381 SER A O   
184 C CB  . SER A 25 ? 0.6012 0.6577 0.7072 -0.0060 -0.0428 0.0728  381 SER A CB  
185 O OG  . SER A 25 ? 0.7719 0.8065 0.8536 0.0001  -0.0467 0.0546  381 SER A OG  
186 N N   . LEU A 26 ? 0.6682 0.6609 0.7395 -0.0022 -0.0438 0.0540  382 LEU A N   
187 C CA  . LEU A 26 ? 0.6684 0.6665 0.7306 0.0027  -0.0344 0.0584  382 LEU A CA  
188 C C   . LEU A 26 ? 0.6930 0.6889 0.7489 0.0191  -0.0332 0.0576  382 LEU A C   
189 O O   . LEU A 26 ? 0.7331 0.7521 0.7971 0.0230  -0.0246 0.0662  382 LEU A O   
190 C CB  . LEU A 26 ? 0.6425 0.6325 0.6872 0.0063  -0.0316 0.0603  382 LEU A CB  
191 C CG  . LEU A 26 ? 0.6757 0.6569 0.7222 -0.0059 -0.0385 0.0616  382 LEU A CG  
192 C CD1 . LEU A 26 ? 0.6967 0.6641 0.7233 -0.0003 -0.0370 0.0694  382 LEU A CD1 
193 C CD2 . LEU A 26 ? 0.6744 0.6664 0.7420 -0.0200 -0.0433 0.0714  382 LEU A CD2 
194 N N   . GLU A 27 ? 0.8060 0.7709 0.8477 0.0320  -0.0481 0.0450  383 GLU A N   
195 C CA  . GLU A 27 ? 0.8440 0.7887 0.8701 0.0567  -0.0594 0.0360  383 GLU A CA  
196 C C   . GLU A 27 ? 0.8117 0.7530 0.8622 0.0474  -0.0667 0.0442  383 GLU A C   
197 O O   . GLU A 27 ? 0.8715 0.8150 0.9122 0.0682  -0.0658 0.0427  383 GLU A O   
198 C CB  . GLU A 27 ? 0.9660 0.8622 0.9679 0.0749  -0.0883 0.0148  383 GLU A CB  
199 C CG  . GLU A 27 ? 1.1219 1.0245 1.0865 0.0954  -0.0795 0.0077  383 GLU A CG  
200 C CD  . GLU A 27 ? 1.2916 1.1439 1.2217 0.1221  -0.1143 -0.0195 383 GLU A CD  
201 O OE1 . GLU A 27 ? 1.3282 1.1321 1.2599 0.1307  -0.1513 -0.0364 383 GLU A OE1 
202 O OE2 . GLU A 27 ? 1.3432 1.1989 1.2437 0.1357  -0.1101 -0.0235 383 GLU A OE2 
203 N N   . LEU A 28 ? 0.7688 0.7138 0.8499 0.0205  -0.0712 0.0573  384 LEU A N   
204 C CA  . LEU A 28 ? 0.7184 0.6645 0.8228 0.0110  -0.0769 0.0749  384 LEU A CA  
205 C C   . LEU A 28 ? 0.7418 0.7246 0.8455 0.0139  -0.0578 0.0828  384 LEU A C   
206 O O   . LEU A 28 ? 0.8460 0.8305 0.9596 0.0137  -0.0615 0.0967  384 LEU A O   
207 C CB  . LEU A 28 ? 0.6993 0.6595 0.8393 -0.0138 -0.0817 0.0976  384 LEU A CB  
208 C CG  . LEU A 28 ? 0.7041 0.6264 0.8735 -0.0268 -0.1151 0.1054  384 LEU A CG  
209 C CD1 . LEU A 28 ? 0.6984 0.6642 0.9098 -0.0498 -0.1104 0.1321  384 LEU A CD1 
210 C CD2 . LEU A 28 ? 0.7449 0.6278 0.9303 -0.0290 -0.1403 0.1205  384 LEU A CD2 
211 N N   . MET A 29 ? 0.8044 0.8142 0.8996 0.0159  -0.0423 0.0767  385 MET A N   
212 C CA  . MET A 29 ? 0.8522 0.8950 0.9554 0.0159  -0.0342 0.0830  385 MET A CA  
213 C C   . MET A 29 ? 0.8485 0.9022 0.9512 0.0360  -0.0326 0.0838  385 MET A C   
214 O O   . MET A 29 ? 0.9437 1.0227 1.0586 0.0370  -0.0322 0.0907  385 MET A O   
215 C CB  . MET A 29 ? 0.8940 0.9559 1.0013 0.0052  -0.0296 0.0812  385 MET A CB  
216 C CG  . MET A 29 ? 0.8224 0.8856 0.9267 -0.0029 -0.0358 0.0781  385 MET A CG  
217 S SD  . MET A 29 ? 1.2333 1.3062 1.3499 -0.0130 -0.0466 0.0761  385 MET A SD  
218 C CE  . MET A 29 ? 1.0001 1.0628 1.1182 -0.0203 -0.0389 0.0821  385 MET A CE  
219 N N   . GLN A 30 ? 0.8792 0.9165 0.9632 0.0590  -0.0342 0.0745  386 GLN A N   
220 C CA  . GLN A 30 ? 0.9761 1.0273 1.0516 0.0918  -0.0334 0.0725  386 GLN A CA  
221 C C   . GLN A 30 ? 0.9862 1.0011 1.0590 0.1016  -0.0534 0.0716  386 GLN A C   
222 O O   . GLN A 30 ? 0.9991 1.0234 1.0638 0.1325  -0.0564 0.0686  386 GLN A O   
223 C CB  . GLN A 30 ? 1.1824 1.2310 1.2241 0.1292  -0.0304 0.0599  386 GLN A CB  
224 C CG  . GLN A 30 ? 1.2814 1.2567 1.2904 0.1436  -0.0588 0.0369  386 GLN A CG  
225 C CD  . GLN A 30 ? 1.5279 1.4883 1.4861 0.2046  -0.0692 0.0146  386 GLN A CD  
226 O OE1 . GLN A 30 ? 1.5719 1.5897 1.5201 0.2411  -0.0484 0.0207  386 GLN A OE1 
227 N NE2 . GLN A 30 ? 1.6375 1.5243 1.5636 0.2209  -0.1051 -0.0115 386 GLN A NE2 
228 N N   . TYR A 31 ? 0.9066 0.8876 0.9901 0.0760  -0.0665 0.0799  387 TYR A N   
229 C CA  . TYR A 31 ? 0.8767 0.8239 0.9665 0.0763  -0.0862 0.0924  387 TYR A CA  
230 C C   . TYR A 31 ? 0.8460 0.8365 0.9492 0.0672  -0.0734 0.1110  387 TYR A C   
231 O O   . TYR A 31 ? 0.8902 0.8647 0.9952 0.0729  -0.0852 0.1261  387 TYR A O   
232 C CB  . TYR A 31 ? 0.9040 0.8070 1.0105 0.0512  -0.1069 0.1055  387 TYR A CB  
233 C CG  . TYR A 31 ? 1.0037 0.8480 1.0955 0.0637  -0.1354 0.0825  387 TYR A CG  
234 C CD1 . TYR A 31 ? 0.9833 0.8385 1.0639 0.0629  -0.1263 0.0656  387 TYR A CD1 
235 C CD2 . TYR A 31 ? 1.1156 0.8850 1.1998 0.0807  -0.1785 0.0753  387 TYR A CD2 
236 C CE1 . TYR A 31 ? 1.1000 0.8997 1.1582 0.0814  -0.1572 0.0406  387 TYR A CE1 
237 C CE2 . TYR A 31 ? 1.1792 0.8840 1.2416 0.0998  -0.2162 0.0462  387 TYR A CE2 
238 C CZ  . TYR A 31 ? 1.1758 0.8994 1.2236 0.1013  -0.2043 0.0284  387 TYR A CZ  
239 O OH  . TYR A 31 ? 1.2694 0.9283 1.2874 0.1266  -0.2457 -0.0037 387 TYR A OH  
240 N N   . LEU A 32 ? 0.7699 0.8084 0.8796 0.0560  -0.0553 0.1090  388 LEU A N   
241 C CA  . LEU A 32 ? 0.7707 0.8473 0.8863 0.0550  -0.0520 0.1172  388 LEU A CA  
242 C C   . LEU A 32 ? 0.7190 0.8325 0.8458 0.0708  -0.0505 0.1106  388 LEU A C   
243 O O   . LEU A 32 ? 0.7511 0.8838 0.8864 0.0749  -0.0418 0.1043  388 LEU A O   
244 C CB  . LEU A 32 ? 0.7542 0.8526 0.8695 0.0386  -0.0467 0.1147  388 LEU A CB  
245 C CG  . LEU A 32 ? 0.7290 0.8195 0.8378 0.0289  -0.0431 0.1266  388 LEU A CG  
246 C CD1 . LEU A 32 ? 0.6993 0.8087 0.7988 0.0263  -0.0418 0.1134  388 LEU A CD1 
247 C CD2 . LEU A 32 ? 0.7347 0.8354 0.8392 0.0362  -0.0440 0.1535  388 LEU A CD2 
248 N N   . PRO A 33 ? 0.7197 0.8525 0.8498 0.0814  -0.0583 0.1172  389 PRO A N   
249 C CA  . PRO A 33 ? 0.7549 0.9383 0.9094 0.0932  -0.0606 0.1157  389 PRO A CA  
250 C C   . PRO A 33 ? 0.7994 1.0187 0.9832 0.0695  -0.0619 0.1137  389 PRO A C   
251 O O   . PRO A 33 ? 0.8422 1.0426 1.0147 0.0521  -0.0684 0.1078  389 PRO A O   
252 C CB  . PRO A 33 ? 0.7044 0.8918 0.8507 0.1052  -0.0746 0.1223  389 PRO A CB  
253 C CG  . PRO A 33 ? 0.6998 0.8361 0.8175 0.1082  -0.0756 0.1341  389 PRO A CG  
254 C CD  . PRO A 33 ? 0.7159 0.8303 0.8300 0.0852  -0.0661 0.1327  389 PRO A CD  
255 N N   . GLN A 34 ? 0.8020 1.0746 1.0255 0.0707  -0.0579 0.1220  390 GLN A N   
256 C CA  . GLN A 34 ? 0.8124 1.1150 1.0778 0.0412  -0.0671 0.1295  390 GLN A CA  
257 C C   . GLN A 34 ? 0.8233 1.1172 1.0931 0.0304  -0.1003 0.1191  390 GLN A C   
258 O O   . GLN A 34 ? 0.8292 1.1033 1.1057 0.0083  -0.1210 0.1118  390 GLN A O   
259 C CB  . GLN A 34 ? 0.9542 1.3354 1.2767 0.0434  -0.0564 0.1547  390 GLN A CB  
260 C CG  . GLN A 34 ? 1.0748 1.4882 1.4583 0.0034  -0.0694 0.1765  390 GLN A CG  
261 C CD  . GLN A 34 ? 1.0763 1.4418 1.4357 -0.0157 -0.0623 0.1736  390 GLN A CD  
262 O OE1 . GLN A 34 ? 1.0758 1.4361 1.4041 0.0014  -0.0335 0.1754  390 GLN A OE1 
263 N NE2 . GLN A 34 ? 1.0967 1.4233 1.4663 -0.0457 -0.0944 0.1657  390 GLN A NE2 
264 N N   . HIS A 35 ? 0.8297 1.1315 1.0875 0.0527  -0.1095 0.1160  391 HIS A N   
265 C CA  . HIS A 35 ? 0.8522 1.1470 1.0984 0.0569  -0.1428 0.1031  391 HIS A CA  
266 C C   . HIS A 35 ? 0.8490 1.0947 1.0366 0.0625  -0.1476 0.0875  391 HIS A C   
267 O O   . HIS A 35 ? 0.8782 1.1123 1.0528 0.0647  -0.1801 0.0700  391 HIS A O   
268 C CB  . HIS A 35 ? 0.9502 1.2660 1.1894 0.0858  -0.1468 0.1075  391 HIS A CB  
269 C CG  . HIS A 35 ? 1.1176 1.4225 1.3256 0.1014  -0.1788 0.0940  391 HIS A CG  
270 N ND1 . HIS A 35 ? 1.1665 1.4983 1.4097 0.0972  -0.2199 0.0845  391 HIS A ND1 
271 C CD2 . HIS A 35 ? 1.2586 1.5319 1.3999 0.1252  -0.1766 0.0911  391 HIS A CD2 
272 C CE1 . HIS A 35 ? 1.2916 1.6022 1.4807 0.1239  -0.2456 0.0679  391 HIS A CE1 
273 N NE2 . HIS A 35 ? 1.3789 1.6601 1.5041 0.1428  -0.2143 0.0755  391 HIS A NE2 
274 N N   . THR A 36 ? 0.8460 1.0657 0.9984 0.0689  -0.1191 0.0944  392 THR A N   
275 C CA  . THR A 36 ? 0.8331 1.0271 0.9389 0.0762  -0.1154 0.0896  392 THR A CA  
276 C C   . THR A 36 ? 0.8261 1.0034 0.9346 0.0599  -0.1254 0.0731  392 THR A C   
277 O O   . THR A 36 ? 0.8370 1.0025 0.9112 0.0749  -0.1452 0.0557  392 THR A O   
278 C CB  . THR A 36 ? 0.7996 0.9765 0.8923 0.0763  -0.0867 0.1092  392 THR A CB  
279 O OG1 . THR A 36 ? 0.8653 1.0441 0.9567 0.0912  -0.0854 0.1251  392 THR A OG1 
280 C CG2 . THR A 36 ? 0.7640 0.9376 0.8219 0.0841  -0.0775 0.1170  392 THR A CG2 
281 N N   . ILE A 37 ? 0.8029 0.9781 0.9453 0.0364  -0.1130 0.0785  393 ILE A N   
282 C CA  . ILE A 37 ? 0.8318 0.9870 0.9824 0.0179  -0.1224 0.0693  393 ILE A CA  
283 C C   . ILE A 37 ? 0.9319 1.0832 1.1047 0.0096  -0.1676 0.0562  393 ILE A C   
284 O O   . ILE A 37 ? 1.0816 1.1972 1.2356 0.0098  -0.1944 0.0370  393 ILE A O   
285 C CB  . ILE A 37 ? 0.7800 0.9430 0.9613 -0.0008 -0.0987 0.0850  393 ILE A CB  
286 C CG1 . ILE A 37 ? 0.7516 0.9032 0.9077 0.0113  -0.0692 0.0903  393 ILE A CG1 
287 C CG2 . ILE A 37 ? 0.7830 0.9229 0.9728 -0.0206 -0.1091 0.0817  393 ILE A CG2 
288 C CD1 . ILE A 37 ? 0.6973 0.8524 0.8653 0.0078  -0.0500 0.0986  393 ILE A CD1 
289 N N   . GLU A 38 ? 0.9353 1.1203 1.1490 0.0050  -0.1825 0.0651  394 GLU A N   
290 C CA  . GLU A 38 ? 1.0382 1.2196 1.2861 -0.0068 -0.2368 0.0548  394 GLU A CA  
291 C C   . GLU A 38 ? 1.0491 1.2001 1.2375 0.0278  -0.2752 0.0210  394 GLU A C   
292 O O   . GLU A 38 ? 1.0427 1.1532 1.2261 0.0277  -0.3287 -0.0038 394 GLU A O   
293 C CB  . GLU A 38 ? 1.1309 1.3733 1.4535 -0.0226 -0.2417 0.0801  394 GLU A CB  
294 C CG  . GLU A 38 ? 1.2073 1.4962 1.5935 -0.0502 -0.2108 0.1177  394 GLU A CG  
295 C CD  . GLU A 38 ? 1.3880 1.6472 1.8008 -0.0841 -0.2265 0.1273  394 GLU A CD  
296 O OE1 . GLU A 38 ? 1.3972 1.5920 1.7840 -0.0875 -0.2696 0.1002  394 GLU A OE1 
297 O OE2 . GLU A 38 ? 1.5545 1.8546 2.0095 -0.1019 -0.1967 0.1630  394 GLU A OE2 
298 N N   . THR A 39 ? 1.0185 1.1866 1.1593 0.0615  -0.2517 0.0216  395 THR A N   
299 C CA  . THR A 39 ? 1.0897 1.2433 1.1596 0.1065  -0.2771 -0.0035 395 THR A CA  
300 C C   . THR A 39 ? 1.1659 1.2884 1.1725 0.1305  -0.2733 -0.0219 395 THR A C   
301 O O   . THR A 39 ? 1.2383 1.3401 1.1849 0.1721  -0.3106 -0.0531 395 THR A O   
302 C CB  . THR A 39 ? 1.1200 1.3073 1.1591 0.1346  -0.2464 0.0160  395 THR A CB  
303 O OG1 . THR A 39 ? 1.1488 1.3638 1.2356 0.1262  -0.2633 0.0234  395 THR A OG1 
304 C CG2 . THR A 39 ? 1.1799 1.3656 1.1342 0.1885  -0.2585 0.0013  395 THR A CG2 
305 N N   . TYR A 40 ? 1.1065 1.2288 1.1229 0.1112  -0.2309 -0.0044 396 TYR A N   
306 C CA  . TYR A 40 ? 1.0911 1.1934 1.0607 0.1311  -0.2255 -0.0185 396 TYR A CA  
307 C C   . TYR A 40 ? 1.1658 1.2138 1.1381 0.1255  -0.2800 -0.0516 396 TYR A C   
308 O O   . TYR A 40 ? 1.3130 1.3350 1.2236 0.1666  -0.3036 -0.0816 396 TYR A O   
309 C CB  . TYR A 40 ? 0.9661 1.0812 0.9543 0.1090  -0.1738 0.0084  396 TYR A CB  
310 C CG  . TYR A 40 ? 0.9263 1.0185 0.8915 0.1158  -0.1742 -0.0059 396 TYR A CG  
311 C CD1 . TYR A 40 ? 0.9370 1.0539 0.8491 0.1571  -0.1576 -0.0067 396 TYR A CD1 
312 C CD2 . TYR A 40 ? 0.9246 0.9791 0.9238 0.0838  -0.1902 -0.0132 396 TYR A CD2 
313 C CE1 . TYR A 40 ? 0.9368 1.0389 0.8290 0.1692  -0.1589 -0.0212 396 TYR A CE1 
314 C CE2 . TYR A 40 ? 0.9105 0.9385 0.8865 0.0929  -0.1943 -0.0273 396 TYR A CE2 
315 C CZ  . TYR A 40 ? 0.9394 0.9901 0.8616 0.1366  -0.1796 -0.0346 396 TYR A CZ  
316 O OH  . TYR A 40 ? 0.9834 1.0119 0.8851 0.1493  -0.1855 -0.0497 396 TYR A OH  
317 N N   . ARG A 41 ? 1.1223 1.1550 1.1662 0.0783  -0.3018 -0.0428 397 ARG A N   
318 C CA  . ARG A 41 ? 1.2646 1.2374 1.3269 0.0626  -0.3617 -0.0643 397 ARG A CA  
319 C C   . ARG A 41 ? 1.5055 1.4371 1.5397 0.0921  -0.4402 -0.1047 397 ARG A C   
320 O O   . ARG A 41 ? 1.7194 1.5840 1.7120 0.1163  -0.4947 -0.1424 397 ARG A O   
321 C CB  . ARG A 41 ? 1.1361 1.1191 1.2934 0.0008  -0.3590 -0.0281 397 ARG A CB  
322 C CG  . ARG A 41 ? 1.0110 1.0161 1.1779 -0.0168 -0.2973 -0.0001 397 ARG A CG  
323 C CD  . ARG A 41 ? 1.0022 1.0453 1.2526 -0.0627 -0.2813 0.0426  397 ARG A CD  
324 N NE  . ARG A 41 ? 1.0111 1.0626 1.2570 -0.0713 -0.2327 0.0624  397 ARG A NE  
325 C CZ  . ARG A 41 ? 0.9898 1.0910 1.2804 -0.0906 -0.1960 0.0995  397 ARG A CZ  
326 N NH1 . ARG A 41 ? 0.9989 1.1569 1.3496 -0.1045 -0.1969 0.1256  397 ARG A NH1 
327 N NH2 . ARG A 41 ? 0.9435 1.0435 1.2156 -0.0894 -0.1594 0.1099  397 ARG A NH2 
328 N N   . GLN A 42 ? 1.5191 1.4852 1.5707 0.0958  -0.4512 -0.1005 398 GLN A N   
329 C CA  . GLN A 42 ? 1.5370 1.4689 1.5560 0.1304  -0.5275 -0.1410 398 GLN A CA  
330 C C   . GLN A 42 ? 1.5383 1.4953 1.4515 0.2047  -0.5076 -0.1614 398 GLN A C   
331 O O   . GLN A 42 ? 1.4809 1.4410 1.3210 0.2465  -0.4748 -0.1692 398 GLN A O   
332 C CB  . GLN A 42 ? 1.5120 1.4732 1.6224 0.0897  -0.5590 -0.1216 398 GLN A CB  
# 
